data_1U3Q
#
_entry.id   1U3Q
#
_cell.length_a   77.167
_cell.length_b   76.646
_cell.length_c   82.800
_cell.angle_alpha   90.00
_cell.angle_beta   111.83
_cell.angle_gamma   90.00
#
_symmetry.space_group_name_H-M   'P 1 21 1'
#
loop_
_entity.id
_entity.type
_entity.pdbx_description
1 polymer 'Estrogen receptor beta'
2 non-polymer 4-(6-HYDROXY-BENZO[D]ISOXAZOL-3-YL)BENZENE-1,3-DIOL
3 water water
#
_entity_poly.entity_id   1
_entity_poly.type   'polypeptide(L)'
_entity_poly.pdbx_seq_one_letter_code
;DALSPEQLVLTLLEAEPPHVLISRPSAPFTEASMMMSLTKLADKELVHMISWAKKIPGFVELSLFDQVRLLESCWMEVLM
MGLMWRSIDHPGKLIFAPDLVLDRDEGKCVEGILEIFDMLLATTSRFRELKLQHKEYLCVKAMILLNSSMYPLVTATQDA
DSSRKLAHLLNAVTDALVWVIAKSGISSQQQSMRLANLLMLLSHVRHASNKGMEHLLNMKCKNVVPVYDLLLEMLNAHVL
;
_entity_poly.pdbx_strand_id   A,B,C,D
#
loop_
_chem_comp.id
_chem_comp.type
_chem_comp.name
_chem_comp.formula
272 non-polymer 4-(6-HYDROXY-BENZO[D]ISOXAZOL-3-YL)BENZENE-1,3-DIOL 'C13 H9 N O4'
#
# COMPACT_ATOMS: atom_id res chain seq x y z
N LEU A 3 -13.85 -26.31 16.76
CA LEU A 3 -13.25 -26.09 18.10
C LEU A 3 -14.25 -25.53 19.09
N SER A 4 -14.17 -25.99 20.32
CA SER A 4 -15.05 -25.47 21.35
C SER A 4 -14.28 -24.26 21.90
N PRO A 5 -14.97 -23.33 22.57
CA PRO A 5 -14.32 -22.14 23.13
C PRO A 5 -13.01 -22.44 23.84
N GLU A 6 -13.08 -23.32 24.84
CA GLU A 6 -11.94 -23.72 25.65
C GLU A 6 -10.74 -24.17 24.81
N GLN A 7 -11.00 -24.88 23.72
CA GLN A 7 -9.92 -25.34 22.85
C GLN A 7 -9.38 -24.19 21.99
N LEU A 8 -10.26 -23.26 21.63
CA LEU A 8 -9.82 -22.13 20.83
C LEU A 8 -8.91 -21.26 21.68
N VAL A 9 -9.28 -21.10 22.95
CA VAL A 9 -8.49 -20.29 23.88
C VAL A 9 -7.12 -20.92 24.13
N LEU A 10 -7.03 -22.25 24.06
CA LEU A 10 -5.75 -22.93 24.26
C LEU A 10 -4.88 -22.71 23.03
N THR A 11 -5.51 -22.70 21.85
CA THR A 11 -4.74 -22.45 20.64
C THR A 11 -4.19 -21.03 20.77
N LEU A 12 -5.01 -20.12 21.28
CA LEU A 12 -4.54 -18.74 21.45
C LEU A 12 -3.35 -18.70 22.43
N LEU A 13 -3.45 -19.43 23.54
CA LEU A 13 -2.36 -19.45 24.51
C LEU A 13 -1.09 -19.99 23.90
N GLU A 14 -1.21 -21.07 23.14
CA GLU A 14 -0.03 -21.64 22.51
C GLU A 14 0.55 -20.67 21.50
N ALA A 15 -0.31 -19.84 20.93
CA ALA A 15 0.12 -18.87 19.93
C ALA A 15 0.94 -17.73 20.53
N GLU A 16 0.75 -17.42 21.82
CA GLU A 16 1.50 -16.34 22.50
C GLU A 16 2.99 -16.49 22.24
N PRO A 17 3.63 -15.48 21.66
CA PRO A 17 5.06 -15.61 21.40
C PRO A 17 5.87 -15.09 22.59
N PRO A 18 7.20 -15.25 22.55
CA PRO A 18 8.09 -14.79 23.63
C PRO A 18 8.18 -13.27 23.62
N HIS A 19 8.61 -12.69 24.73
CA HIS A 19 8.77 -11.24 24.81
C HIS A 19 10.11 -10.88 24.18
N VAL A 20 10.15 -9.74 23.49
CA VAL A 20 11.38 -9.27 22.86
C VAL A 20 12.13 -8.50 23.93
N LEU A 21 13.38 -8.86 24.16
CA LEU A 21 14.18 -8.19 25.19
C LEU A 21 15.00 -7.05 24.63
N ILE A 22 14.91 -5.91 25.29
CA ILE A 22 15.66 -4.71 24.90
C ILE A 22 16.04 -3.99 26.19
N SER A 23 17.11 -3.23 26.16
CA SER A 23 17.53 -2.52 27.36
C SER A 23 17.77 -1.04 27.12
N ARG A 24 17.76 -0.27 28.20
CA ARG A 24 17.99 1.17 28.15
C ARG A 24 19.34 1.35 27.48
N PRO A 25 19.45 2.35 26.60
CA PRO A 25 20.70 2.62 25.88
C PRO A 25 21.82 2.99 26.86
N SER A 26 23.01 3.22 26.31
CA SER A 26 24.20 3.59 27.10
C SER A 26 23.98 4.84 27.97
N ALA A 27 23.76 5.98 27.32
CA ALA A 27 23.57 7.26 28.00
C ALA A 27 22.08 7.58 28.15
N PRO A 28 21.75 8.63 28.94
CA PRO A 28 20.33 8.98 29.12
C PRO A 28 19.66 9.10 27.76
N PHE A 29 18.33 9.06 27.76
CA PHE A 29 17.58 9.12 26.52
C PHE A 29 17.58 10.39 25.69
N THR A 30 18.01 10.22 24.44
CA THR A 30 18.04 11.28 23.46
C THR A 30 16.80 11.00 22.61
N GLU A 31 16.28 12.01 21.91
CA GLU A 31 15.11 11.79 21.09
C GLU A 31 15.39 10.67 20.07
N ALA A 32 16.60 10.68 19.51
CA ALA A 32 17.01 9.70 18.50
C ALA A 32 17.18 8.28 19.06
N SER A 33 17.83 8.16 20.21
CA SER A 33 18.04 6.84 20.81
C SER A 33 16.72 6.26 21.29
N MET A 34 15.83 7.10 21.80
CA MET A 34 14.53 6.62 22.28
C MET A 34 13.70 6.06 21.12
N MET A 35 13.82 6.70 19.96
CA MET A 35 13.11 6.25 18.77
C MET A 35 13.77 5.00 18.24
N MET A 36 15.10 4.96 18.31
CA MET A 36 15.84 3.81 17.83
C MET A 36 15.42 2.64 18.71
N SER A 37 15.19 2.91 20.00
CA SER A 37 14.78 1.88 20.95
C SER A 37 13.38 1.31 20.69
N LEU A 38 12.45 2.20 20.34
CA LEU A 38 11.06 1.81 20.09
C LEU A 38 10.88 1.13 18.74
N THR A 39 11.51 1.66 17.71
CA THR A 39 11.38 1.09 16.38
C THR A 39 12.18 -0.20 16.31
N LYS A 40 13.18 -0.31 17.19
CA LYS A 40 14.02 -1.49 17.26
C LYS A 40 13.20 -2.59 17.93
N LEU A 41 12.44 -2.21 18.96
CA LEU A 41 11.59 -3.15 19.67
C LEU A 41 10.45 -3.63 18.77
N ALA A 42 9.73 -2.69 18.16
CA ALA A 42 8.63 -3.05 17.27
C ALA A 42 9.08 -3.99 16.17
N ASP A 43 10.10 -3.57 15.42
CA ASP A 43 10.64 -4.36 14.33
C ASP A 43 10.88 -5.82 14.71
N LYS A 44 11.43 -6.07 15.90
CA LYS A 44 11.70 -7.43 16.34
C LYS A 44 10.42 -8.13 16.81
N GLU A 45 9.43 -7.37 17.27
CA GLU A 45 8.17 -7.95 17.73
C GLU A 45 7.31 -8.37 16.55
N LEU A 46 7.49 -7.69 15.42
CA LEU A 46 6.71 -7.99 14.23
C LEU A 46 7.00 -9.38 13.73
N VAL A 47 8.23 -9.86 13.89
CA VAL A 47 8.58 -11.19 13.46
C VAL A 47 7.81 -12.21 14.31
N HIS A 48 7.64 -11.88 15.59
CA HIS A 48 6.91 -12.74 16.51
C HIS A 48 5.41 -12.69 16.24
N MET A 49 4.92 -11.50 15.91
CA MET A 49 3.49 -11.30 15.64
C MET A 49 3.03 -12.09 14.41
N ILE A 50 3.92 -12.28 13.44
CA ILE A 50 3.58 -13.03 12.24
C ILE A 50 3.39 -14.52 12.56
N SER A 51 4.28 -15.07 13.40
CA SER A 51 4.19 -16.47 13.78
C SER A 51 2.92 -16.64 14.61
N TRP A 52 2.65 -15.64 15.43
CA TRP A 52 1.47 -15.62 16.30
C TRP A 52 0.20 -15.72 15.46
N ALA A 53 0.06 -14.84 14.47
CA ALA A 53 -1.12 -14.85 13.61
C ALA A 53 -1.26 -16.18 12.86
N LYS A 54 -0.13 -16.76 12.43
CA LYS A 54 -0.19 -18.02 11.72
C LYS A 54 -0.63 -19.19 12.62
N LYS A 55 -0.57 -19.01 13.94
CA LYS A 55 -0.98 -20.06 14.88
C LYS A 55 -2.44 -19.87 15.32
N ILE A 56 -3.09 -18.84 14.80
CA ILE A 56 -4.48 -18.57 15.12
C ILE A 56 -5.34 -19.41 14.20
N PRO A 57 -6.37 -20.05 14.76
CA PRO A 57 -7.29 -20.92 13.99
C PRO A 57 -7.95 -20.28 12.76
N GLY A 58 -7.54 -20.73 11.59
CA GLY A 58 -8.11 -20.25 10.36
C GLY A 58 -7.37 -19.16 9.60
N PHE A 59 -6.44 -18.47 10.26
CA PHE A 59 -5.70 -17.41 9.60
C PHE A 59 -4.92 -17.89 8.38
N VAL A 60 -4.20 -18.99 8.52
CA VAL A 60 -3.39 -19.50 7.40
C VAL A 60 -4.24 -20.04 6.28
N GLU A 61 -5.52 -20.29 6.57
CA GLU A 61 -6.46 -20.79 5.56
C GLU A 61 -7.03 -19.61 4.77
N LEU A 62 -6.81 -18.40 5.27
CA LEU A 62 -7.29 -17.22 4.57
C LEU A 62 -6.33 -17.05 3.39
N SER A 63 -6.69 -16.18 2.45
CA SER A 63 -5.84 -15.96 1.28
C SER A 63 -4.59 -15.22 1.69
N LEU A 64 -3.54 -15.35 0.88
CA LEU A 64 -2.26 -14.70 1.13
C LEU A 64 -2.42 -13.19 1.29
N PHE A 65 -3.09 -12.56 0.34
CA PHE A 65 -3.32 -11.11 0.38
C PHE A 65 -4.15 -10.68 1.56
N ASP A 66 -5.13 -11.50 1.96
CA ASP A 66 -5.98 -11.18 3.10
C ASP A 66 -5.14 -11.21 4.37
N GLN A 67 -4.36 -12.28 4.53
CA GLN A 67 -3.49 -12.42 5.68
C GLN A 67 -2.65 -11.15 5.84
N VAL A 68 -1.98 -10.75 4.76
CA VAL A 68 -1.14 -9.57 4.81
C VAL A 68 -1.95 -8.29 5.04
N ARG A 69 -3.15 -8.24 4.49
CA ARG A 69 -4.00 -7.06 4.65
C ARG A 69 -4.39 -6.93 6.12
N LEU A 70 -4.71 -8.03 6.77
CA LEU A 70 -5.08 -7.98 8.17
C LEU A 70 -3.91 -7.54 9.05
N LEU A 71 -2.75 -8.14 8.83
CA LEU A 71 -1.55 -7.81 9.60
C LEU A 71 -1.07 -6.38 9.38
N GLU A 72 -1.10 -5.90 8.14
CA GLU A 72 -0.67 -4.52 7.85
C GLU A 72 -1.61 -3.51 8.49
N SER A 73 -2.88 -3.86 8.52
CA SER A 73 -3.90 -3.01 9.09
C SER A 73 -3.89 -2.89 10.60
N CYS A 74 -3.51 -3.98 11.29
CA CYS A 74 -3.57 -4.00 12.75
C CYS A 74 -2.26 -4.11 13.53
N TRP A 75 -1.14 -4.26 12.84
CA TRP A 75 0.12 -4.45 13.55
C TRP A 75 0.36 -3.59 14.78
N MET A 76 0.17 -2.28 14.66
CA MET A 76 0.38 -1.35 15.78
C MET A 76 -0.61 -1.57 16.92
N GLU A 77 -1.86 -1.87 16.56
CA GLU A 77 -2.89 -2.13 17.54
C GLU A 77 -2.51 -3.31 18.43
N VAL A 78 -1.98 -4.36 17.80
CA VAL A 78 -1.56 -5.57 18.48
C VAL A 78 -0.37 -5.33 19.42
N LEU A 79 0.58 -4.51 18.97
CA LEU A 79 1.75 -4.18 19.76
C LEU A 79 1.33 -3.39 21.00
N MET A 80 0.49 -2.39 20.79
CA MET A 80 0.02 -1.55 21.89
C MET A 80 -0.76 -2.35 22.92
N MET A 81 -1.56 -3.30 22.45
CA MET A 81 -2.37 -4.11 23.35
C MET A 81 -1.47 -4.98 24.23
N GLY A 82 -0.40 -5.53 23.63
CA GLY A 82 0.52 -6.36 24.38
C GLY A 82 1.24 -5.50 25.41
N LEU A 83 1.54 -4.26 25.01
CA LEU A 83 2.21 -3.32 25.89
C LEU A 83 1.29 -3.07 27.08
N MET A 84 0.01 -2.89 26.79
CA MET A 84 -0.95 -2.62 27.84
C MET A 84 -1.02 -3.79 28.83
N TRP A 85 -1.03 -5.01 28.30
CA TRP A 85 -1.08 -6.19 29.16
C TRP A 85 0.16 -6.25 30.06
N ARG A 86 1.33 -6.10 29.47
CA ARG A 86 2.56 -6.13 30.24
C ARG A 86 2.60 -5.02 31.29
N SER A 87 1.96 -3.89 30.98
CA SER A 87 1.96 -2.74 31.85
C SER A 87 0.81 -2.68 32.83
N ILE A 88 -0.18 -3.54 32.66
CA ILE A 88 -1.36 -3.50 33.49
C ILE A 88 -1.16 -3.46 35.01
N ASP A 89 -0.06 -4.03 35.51
CA ASP A 89 0.17 -4.03 36.95
C ASP A 89 1.16 -2.97 37.44
N HIS A 90 1.65 -2.13 36.53
CA HIS A 90 2.60 -1.10 36.90
C HIS A 90 2.15 0.29 36.45
N PRO A 91 1.19 0.88 37.17
CA PRO A 91 0.63 2.21 36.85
C PRO A 91 1.64 3.34 36.79
N GLY A 92 1.55 4.11 35.71
CA GLY A 92 2.45 5.22 35.49
C GLY A 92 3.64 4.81 34.66
N LYS A 93 3.71 3.53 34.34
CA LYS A 93 4.83 3.01 33.55
C LYS A 93 4.39 2.19 32.35
N LEU A 94 5.23 2.23 31.32
CA LEU A 94 4.97 1.46 30.12
C LEU A 94 6.10 0.44 30.04
N ILE A 95 5.75 -0.84 30.21
CA ILE A 95 6.71 -1.92 30.16
C ILE A 95 6.89 -2.36 28.72
N PHE A 96 7.70 -1.61 27.97
CA PHE A 96 7.94 -1.96 26.59
C PHE A 96 8.65 -3.30 26.55
N ALA A 97 9.52 -3.51 27.53
CA ALA A 97 10.27 -4.77 27.68
C ALA A 97 10.80 -4.80 29.12
N PRO A 98 11.17 -5.98 29.64
CA PRO A 98 11.67 -6.12 31.02
C PRO A 98 12.63 -5.01 31.49
N ASP A 99 13.61 -4.66 30.67
CA ASP A 99 14.55 -3.61 31.05
C ASP A 99 14.32 -2.30 30.28
N LEU A 100 13.06 -2.03 29.96
CA LEU A 100 12.70 -0.81 29.25
C LEU A 100 11.36 -0.35 29.81
N VAL A 101 11.40 0.18 31.02
CA VAL A 101 10.22 0.64 31.72
C VAL A 101 10.23 2.17 31.76
N LEU A 102 9.57 2.79 30.79
CA LEU A 102 9.52 4.24 30.73
C LEU A 102 8.40 4.78 31.62
N ASP A 103 8.61 5.96 32.17
CA ASP A 103 7.62 6.61 33.02
C ASP A 103 6.95 7.68 32.19
N ARG A 104 5.74 8.06 32.57
CA ARG A 104 5.00 9.09 31.83
C ARG A 104 5.94 10.22 31.42
N ASP A 105 6.65 10.79 32.40
CA ASP A 105 7.58 11.90 32.16
C ASP A 105 8.77 11.62 31.21
N GLU A 106 8.88 10.41 30.70
CA GLU A 106 9.98 10.13 29.79
C GLU A 106 9.53 10.33 28.35
N GLY A 107 8.26 10.73 28.20
CA GLY A 107 7.73 10.98 26.88
C GLY A 107 8.22 12.33 26.40
N LYS A 108 8.60 13.18 27.36
CA LYS A 108 9.10 14.51 27.07
C LYS A 108 10.43 14.50 26.31
N CYS A 109 10.96 13.31 26.04
CA CYS A 109 12.22 13.17 25.31
C CYS A 109 11.99 13.16 23.81
N VAL A 110 10.77 12.83 23.40
CA VAL A 110 10.42 12.79 21.98
C VAL A 110 9.30 13.79 21.73
N GLU A 111 9.39 14.52 20.62
CA GLU A 111 8.39 15.51 20.27
C GLU A 111 7.08 14.86 19.82
N GLY A 112 6.03 15.03 20.62
CA GLY A 112 4.73 14.48 20.26
C GLY A 112 4.41 13.07 20.72
N ILE A 113 5.36 12.35 21.30
CA ILE A 113 5.09 11.00 21.74
C ILE A 113 4.50 10.97 23.15
N LEU A 114 4.65 12.08 23.89
CA LEU A 114 4.14 12.20 25.24
C LEU A 114 2.61 12.11 25.21
N GLU A 115 2.04 12.63 24.14
CA GLU A 115 0.60 12.61 23.94
C GLU A 115 0.15 11.15 23.80
N ILE A 116 0.95 10.36 23.09
CA ILE A 116 0.67 8.97 22.86
C ILE A 116 0.81 8.15 24.14
N PHE A 117 1.85 8.43 24.91
CA PHE A 117 2.08 7.72 26.17
C PHE A 117 0.86 7.89 27.06
N ASP A 118 0.38 9.11 27.21
CA ASP A 118 -0.81 9.36 28.03
C ASP A 118 -1.99 8.48 27.61
N MET A 119 -2.22 8.38 26.30
CA MET A 119 -3.32 7.55 25.80
C MET A 119 -3.09 6.10 26.23
N LEU A 120 -1.90 5.60 25.90
CA LEU A 120 -1.52 4.23 26.22
C LEU A 120 -1.67 3.88 27.69
N LEU A 121 -1.41 4.84 28.57
CA LEU A 121 -1.51 4.61 30.01
C LEU A 121 -2.94 4.71 30.50
N ALA A 122 -3.73 5.55 29.84
CA ALA A 122 -5.13 5.73 30.23
C ALA A 122 -5.90 4.46 29.84
N THR A 123 -5.64 3.93 28.65
CA THR A 123 -6.34 2.72 28.21
C THR A 123 -5.92 1.54 29.10
N THR A 124 -4.61 1.42 29.36
CA THR A 124 -4.08 0.37 30.21
C THR A 124 -4.79 0.51 31.54
N SER A 125 -4.77 1.71 32.08
CA SER A 125 -5.41 1.95 33.33
C SER A 125 -6.86 1.52 33.25
N ARG A 126 -7.46 1.62 32.07
CA ARG A 126 -8.84 1.20 31.93
C ARG A 126 -8.97 -0.33 32.04
N PHE A 127 -8.05 -1.06 31.43
CA PHE A 127 -8.07 -2.51 31.51
C PHE A 127 -7.83 -2.94 32.95
N ARG A 128 -6.92 -2.25 33.63
CA ARG A 128 -6.62 -2.56 35.02
C ARG A 128 -7.86 -2.52 35.90
N GLU A 129 -8.67 -1.47 35.78
CA GLU A 129 -9.84 -1.41 36.66
C GLU A 129 -10.94 -2.41 36.34
N LEU A 130 -10.94 -2.92 35.11
CA LEU A 130 -11.91 -3.94 34.71
C LEU A 130 -11.36 -5.29 35.16
N LYS A 131 -10.13 -5.28 35.66
CA LYS A 131 -9.46 -6.48 36.13
C LYS A 131 -9.38 -7.48 34.95
N LEU A 132 -8.74 -7.05 33.87
CA LEU A 132 -8.58 -7.90 32.69
C LEU A 132 -7.80 -9.17 33.00
N GLN A 133 -8.47 -10.30 32.82
CA GLN A 133 -7.88 -11.61 33.04
C GLN A 133 -7.15 -12.09 31.79
N HIS A 134 -6.03 -12.80 31.98
CA HIS A 134 -5.21 -13.30 30.88
C HIS A 134 -5.98 -13.94 29.73
N LYS A 135 -6.96 -14.78 30.02
CA LYS A 135 -7.72 -15.42 28.96
C LYS A 135 -8.46 -14.36 28.12
N GLU A 136 -8.94 -13.31 28.78
CA GLU A 136 -9.65 -12.22 28.10
C GLU A 136 -8.67 -11.51 27.20
N TYR A 137 -7.50 -11.19 27.76
CA TYR A 137 -6.45 -10.53 26.99
C TYR A 137 -6.19 -11.29 25.70
N LEU A 138 -6.02 -12.61 25.82
CA LEU A 138 -5.77 -13.44 24.64
C LEU A 138 -6.84 -13.29 23.56
N CYS A 139 -8.11 -13.31 23.96
CA CYS A 139 -9.23 -13.19 23.01
C CYS A 139 -9.29 -11.82 22.35
N VAL A 140 -9.10 -10.77 23.14
CA VAL A 140 -9.13 -9.41 22.61
C VAL A 140 -8.01 -9.14 21.62
N LYS A 141 -6.82 -9.66 21.89
CA LYS A 141 -5.72 -9.45 20.97
C LYS A 141 -6.06 -10.11 19.63
N ALA A 142 -6.64 -11.30 19.70
CA ALA A 142 -7.02 -12.03 18.49
C ALA A 142 -8.18 -11.35 17.77
N MET A 143 -9.07 -10.70 18.50
CA MET A 143 -10.19 -10.00 17.85
C MET A 143 -9.69 -8.75 17.12
N ILE A 144 -8.62 -8.16 17.63
CA ILE A 144 -8.03 -6.97 17.02
C ILE A 144 -7.46 -7.33 15.65
N LEU A 145 -6.80 -8.47 15.54
CA LEU A 145 -6.23 -8.85 14.26
C LEU A 145 -7.35 -9.16 13.28
N LEU A 146 -8.30 -9.98 13.71
CA LEU A 146 -9.41 -10.37 12.85
C LEU A 146 -10.46 -9.29 12.56
N ASN A 147 -10.53 -8.24 13.38
CA ASN A 147 -11.50 -7.15 13.20
C ASN A 147 -10.83 -5.88 12.69
N SER A 148 -9.55 -5.97 12.37
CA SER A 148 -8.75 -4.82 11.92
C SER A 148 -9.17 -4.14 10.62
N SER A 149 -8.96 -4.81 9.50
CA SER A 149 -9.27 -4.24 8.21
C SER A 149 -10.77 -4.02 7.96
N MET A 150 -11.08 -3.01 7.14
CA MET A 150 -12.46 -2.68 6.79
C MET A 150 -12.76 -3.30 5.43
N TYR A 151 -12.31 -4.55 5.21
CA TYR A 151 -12.50 -5.26 3.94
C TYR A 151 -13.34 -4.48 2.90
N ASP A 161 -15.83 -16.24 -0.54
CA ASP A 161 -15.47 -17.50 0.11
C ASP A 161 -14.46 -17.25 1.23
N SER A 162 -13.43 -16.46 0.93
CA SER A 162 -12.39 -16.11 1.90
C SER A 162 -12.92 -14.97 2.77
N SER A 163 -14.07 -14.43 2.35
CA SER A 163 -14.73 -13.33 3.04
C SER A 163 -15.61 -13.84 4.18
N ARG A 164 -16.24 -15.00 3.96
CA ARG A 164 -17.08 -15.62 4.97
C ARG A 164 -16.20 -16.31 5.99
N LYS A 165 -14.99 -16.65 5.56
CA LYS A 165 -14.01 -17.32 6.42
C LYS A 165 -13.56 -16.44 7.58
N LEU A 166 -13.59 -15.12 7.36
CA LEU A 166 -13.17 -14.18 8.39
C LEU A 166 -14.27 -13.96 9.41
N ALA A 167 -15.45 -13.54 8.96
CA ALA A 167 -16.57 -13.29 9.87
C ALA A 167 -16.84 -14.52 10.73
N HIS A 168 -16.44 -15.67 10.20
CA HIS A 168 -16.60 -16.96 10.88
C HIS A 168 -15.51 -17.08 11.95
N LEU A 169 -14.28 -16.81 11.53
CA LEU A 169 -13.11 -16.84 12.41
C LEU A 169 -13.33 -15.91 13.59
N LEU A 170 -13.67 -14.67 13.27
CA LEU A 170 -13.91 -13.65 14.24
C LEU A 170 -15.00 -14.07 15.22
N ASN A 171 -16.09 -14.61 14.69
CA ASN A 171 -17.18 -15.07 15.53
C ASN A 171 -16.76 -16.15 16.53
N ALA A 172 -15.80 -17.00 16.17
CA ALA A 172 -15.35 -18.06 17.07
C ALA A 172 -14.56 -17.51 18.25
N VAL A 173 -13.79 -16.46 18.01
CA VAL A 173 -13.00 -15.82 19.07
C VAL A 173 -13.92 -15.04 20.00
N THR A 174 -14.96 -14.44 19.42
CA THR A 174 -15.91 -13.66 20.18
C THR A 174 -16.65 -14.61 21.08
N ASP A 175 -17.04 -15.74 20.53
CA ASP A 175 -17.76 -16.76 21.29
C ASP A 175 -16.86 -17.26 22.40
N ALA A 176 -15.57 -17.40 22.10
CA ALA A 176 -14.62 -17.85 23.12
C ALA A 176 -14.59 -16.81 24.25
N LEU A 177 -14.50 -15.52 23.89
CA LEU A 177 -14.48 -14.49 24.93
C LEU A 177 -15.78 -14.54 25.72
N VAL A 178 -16.90 -14.66 25.01
CA VAL A 178 -18.20 -14.72 25.65
C VAL A 178 -18.23 -15.85 26.67
N TRP A 179 -17.50 -16.92 26.38
CA TRP A 179 -17.44 -18.08 27.28
C TRP A 179 -16.57 -17.76 28.49
N VAL A 180 -15.40 -17.20 28.22
CA VAL A 180 -14.48 -16.83 29.29
C VAL A 180 -15.15 -15.92 30.34
N ILE A 181 -16.05 -15.04 29.90
CA ILE A 181 -16.73 -14.14 30.82
C ILE A 181 -17.80 -14.90 31.59
N ALA A 182 -18.50 -15.79 30.90
CA ALA A 182 -19.54 -16.58 31.54
C ALA A 182 -18.91 -17.46 32.61
N LYS A 183 -17.75 -18.05 32.30
CA LYS A 183 -17.09 -18.92 33.27
C LYS A 183 -16.90 -18.22 34.62
N SER A 184 -16.85 -16.89 34.62
CA SER A 184 -16.67 -16.17 35.88
C SER A 184 -17.88 -16.43 36.76
N GLY A 185 -19.02 -16.68 36.13
CA GLY A 185 -20.23 -16.98 36.88
C GLY A 185 -21.09 -15.77 37.23
N ILE A 186 -20.71 -14.60 36.73
CA ILE A 186 -21.46 -13.39 37.05
C ILE A 186 -22.84 -13.34 36.41
N SER A 187 -23.61 -12.34 36.80
CA SER A 187 -24.96 -12.16 36.29
C SER A 187 -25.01 -11.95 34.78
N SER A 188 -26.07 -12.45 34.16
CA SER A 188 -26.25 -12.29 32.72
C SER A 188 -26.08 -10.80 32.38
N GLN A 189 -26.63 -9.93 33.22
CA GLN A 189 -26.53 -8.50 33.01
C GLN A 189 -25.09 -8.03 33.09
N GLN A 190 -24.35 -8.56 34.06
CA GLN A 190 -22.94 -8.20 34.22
C GLN A 190 -22.11 -8.84 33.12
N GLN A 191 -22.62 -9.91 32.52
CA GLN A 191 -21.90 -10.56 31.43
C GLN A 191 -22.00 -9.68 30.17
N SER A 192 -23.16 -9.04 29.99
CA SER A 192 -23.36 -8.16 28.84
C SER A 192 -22.60 -6.84 29.03
N MET A 193 -22.50 -6.36 30.27
CA MET A 193 -21.81 -5.11 30.55
C MET A 193 -20.28 -5.23 30.38
N ARG A 194 -19.72 -6.32 30.89
CA ARG A 194 -18.28 -6.58 30.78
C ARG A 194 -17.84 -6.75 29.33
N LEU A 195 -18.66 -7.44 28.54
CA LEU A 195 -18.35 -7.62 27.12
C LEU A 195 -18.34 -6.29 26.38
N ALA A 196 -19.37 -5.47 26.62
CA ALA A 196 -19.48 -4.14 25.98
C ALA A 196 -18.35 -3.22 26.44
N ASN A 197 -17.95 -3.32 27.69
CA ASN A 197 -16.89 -2.49 28.22
C ASN A 197 -15.52 -2.89 27.65
N LEU A 198 -15.32 -4.18 27.42
CA LEU A 198 -14.06 -4.66 26.86
C LEU A 198 -14.02 -4.31 25.38
N LEU A 199 -15.16 -4.44 24.72
CA LEU A 199 -15.23 -4.15 23.30
C LEU A 199 -15.20 -2.65 23.02
N MET A 200 -15.81 -1.86 23.88
CA MET A 200 -15.80 -0.42 23.65
C MET A 200 -14.37 0.08 23.71
N LEU A 201 -13.53 -0.59 24.50
CA LEU A 201 -12.13 -0.21 24.65
C LEU A 201 -11.27 -0.45 23.41
N LEU A 202 -11.74 -1.32 22.52
CA LEU A 202 -11.00 -1.61 21.29
C LEU A 202 -10.92 -0.32 20.48
N SER A 203 -11.94 0.51 20.60
CA SER A 203 -11.96 1.78 19.89
C SER A 203 -10.78 2.64 20.33
N HIS A 204 -10.55 2.69 21.63
CA HIS A 204 -9.45 3.48 22.16
C HIS A 204 -8.12 2.90 21.70
N VAL A 205 -8.00 1.58 21.69
CA VAL A 205 -6.79 0.95 21.23
C VAL A 205 -6.60 1.36 19.77
N ARG A 206 -7.64 1.24 18.96
CA ARG A 206 -7.54 1.63 17.57
C ARG A 206 -7.11 3.10 17.45
N HIS A 207 -7.68 3.96 18.29
CA HIS A 207 -7.35 5.39 18.29
C HIS A 207 -5.87 5.60 18.61
N ALA A 208 -5.39 4.94 19.65
CA ALA A 208 -3.99 5.03 20.06
C ALA A 208 -3.08 4.53 18.94
N SER A 209 -3.51 3.48 18.27
CA SER A 209 -2.74 2.92 17.16
C SER A 209 -2.65 3.92 16.02
N ASN A 210 -3.75 4.63 15.77
CA ASN A 210 -3.79 5.63 14.70
C ASN A 210 -2.82 6.79 14.96
N LYS A 211 -2.85 7.34 16.17
CA LYS A 211 -1.97 8.45 16.51
C LYS A 211 -0.51 7.96 16.51
N GLY A 212 -0.29 6.77 17.08
CA GLY A 212 1.03 6.21 17.13
C GLY A 212 1.70 6.13 15.77
N MET A 213 0.94 5.74 14.76
CA MET A 213 1.47 5.64 13.41
C MET A 213 1.68 7.02 12.77
N GLU A 214 0.71 7.91 12.95
CA GLU A 214 0.86 9.25 12.40
C GLU A 214 2.19 9.77 12.93
N HIS A 215 2.37 9.64 14.24
CA HIS A 215 3.58 10.08 14.89
C HIS A 215 4.81 9.42 14.28
N LEU A 216 4.78 8.09 14.19
CA LEU A 216 5.90 7.33 13.64
C LEU A 216 6.20 7.72 12.19
N LEU A 217 5.15 7.94 11.41
CA LEU A 217 5.35 8.34 10.03
C LEU A 217 5.97 9.73 10.00
N ASN A 218 5.59 10.55 10.92
CA ASN A 218 6.13 11.91 10.97
C ASN A 218 7.61 11.86 11.31
N MET A 219 7.94 11.05 12.33
CA MET A 219 9.32 10.89 12.75
C MET A 219 10.19 10.40 11.60
N LYS A 220 9.67 9.45 10.83
CA LYS A 220 10.39 8.90 9.70
C LYS A 220 10.79 10.01 8.72
N CYS A 221 9.92 11.02 8.60
CA CYS A 221 10.16 12.14 7.72
C CYS A 221 11.22 13.05 8.33
N LYS A 222 11.12 13.27 9.63
CA LYS A 222 12.12 14.09 10.33
C LYS A 222 13.39 13.27 10.42
N ASN A 223 13.30 12.02 9.94
CA ASN A 223 14.41 11.08 9.94
C ASN A 223 15.08 10.92 11.29
N VAL A 224 14.37 11.32 12.35
CA VAL A 224 14.88 11.19 13.71
C VAL A 224 14.98 9.70 13.98
N VAL A 225 14.05 8.95 13.40
CA VAL A 225 13.99 7.51 13.53
C VAL A 225 14.36 6.91 12.18
N PRO A 226 15.31 5.99 12.17
CA PRO A 226 15.67 5.40 10.88
C PRO A 226 14.90 4.10 10.62
N VAL A 227 13.57 4.20 10.72
CA VAL A 227 12.72 3.03 10.47
C VAL A 227 13.12 2.45 9.10
N TYR A 228 13.82 1.33 9.12
CA TYR A 228 14.30 0.73 7.88
C TYR A 228 13.53 -0.41 7.21
N ASP A 229 13.90 -1.65 7.52
CA ASP A 229 13.28 -2.81 6.87
C ASP A 229 11.82 -3.14 7.21
N LEU A 230 11.62 -4.36 7.69
CA LEU A 230 10.30 -4.90 8.05
C LEU A 230 9.28 -3.86 8.52
N LEU A 231 9.63 -3.13 9.57
CA LEU A 231 8.74 -2.12 10.12
C LEU A 231 8.26 -1.13 9.06
N LEU A 232 9.17 -0.73 8.18
CA LEU A 232 8.85 0.22 7.11
C LEU A 232 7.72 -0.33 6.25
N GLU A 233 7.72 -1.63 6.00
CA GLU A 233 6.68 -2.27 5.20
C GLU A 233 5.32 -2.16 5.89
N MET A 234 5.34 -2.04 7.21
CA MET A 234 4.11 -1.92 8.00
C MET A 234 3.61 -0.48 8.06
N LEU A 235 4.53 0.47 7.99
CA LEU A 235 4.21 1.88 8.02
C LEU A 235 3.69 2.44 6.71
N ASN A 236 4.47 2.28 5.64
CA ASN A 236 4.09 2.78 4.32
C ASN A 236 2.64 2.44 3.96
N ALA A 237 2.27 1.18 4.15
CA ALA A 237 0.93 0.72 3.84
C ALA A 237 -0.12 1.75 4.25
N ASP B 1 19.52 -32.45 -2.53
CA ASP B 1 18.42 -32.52 -3.53
C ASP B 1 18.19 -31.19 -4.24
N ALA B 2 19.29 -30.49 -4.54
CA ALA B 2 19.19 -29.20 -5.24
C ALA B 2 18.61 -29.45 -6.63
N LEU B 3 17.62 -28.64 -7.00
CA LEU B 3 16.98 -28.79 -8.30
C LEU B 3 17.92 -28.34 -9.42
N SER B 4 18.07 -29.17 -10.45
CA SER B 4 18.92 -28.84 -11.58
C SER B 4 18.12 -27.94 -12.54
N PRO B 5 18.81 -27.32 -13.52
CA PRO B 5 18.10 -26.44 -14.47
C PRO B 5 16.96 -27.21 -15.15
N GLU B 6 17.25 -28.41 -15.66
CA GLU B 6 16.23 -29.22 -16.33
C GLU B 6 15.03 -29.49 -15.45
N GLN B 7 15.27 -29.90 -14.21
CA GLN B 7 14.19 -30.21 -13.29
C GLN B 7 13.36 -28.97 -12.96
N LEU B 8 14.03 -27.81 -12.91
CA LEU B 8 13.31 -26.58 -12.61
C LEU B 8 12.36 -26.26 -13.77
N VAL B 9 12.82 -26.40 -15.01
CA VAL B 9 11.97 -26.11 -16.15
C VAL B 9 10.70 -26.98 -16.11
N LEU B 10 10.89 -28.26 -15.80
CA LEU B 10 9.76 -29.17 -15.75
C LEU B 10 8.82 -28.82 -14.59
N THR B 11 9.37 -28.33 -13.48
CA THR B 11 8.55 -27.94 -12.33
C THR B 11 7.61 -26.77 -12.69
N LEU B 12 8.15 -25.76 -13.36
CA LEU B 12 7.35 -24.62 -13.78
C LEU B 12 6.30 -25.08 -14.79
N LEU B 13 6.64 -26.07 -15.59
CA LEU B 13 5.71 -26.57 -16.59
C LEU B 13 4.53 -27.24 -15.88
N GLU B 14 4.82 -27.96 -14.82
CA GLU B 14 3.76 -28.63 -14.06
C GLU B 14 2.90 -27.57 -13.38
N ALA B 15 3.55 -26.50 -12.93
CA ALA B 15 2.86 -25.41 -12.25
C ALA B 15 2.01 -24.50 -13.13
N GLU B 16 2.17 -24.57 -14.45
CA GLU B 16 1.39 -23.72 -15.35
C GLU B 16 -0.06 -23.60 -14.93
N PRO B 17 -0.56 -22.36 -14.78
CA PRO B 17 -1.95 -22.22 -14.36
C PRO B 17 -2.87 -22.94 -15.34
N PRO B 18 -4.10 -23.24 -14.90
CA PRO B 18 -5.07 -23.94 -15.74
C PRO B 18 -5.84 -22.96 -16.63
N HIS B 19 -6.22 -23.42 -17.82
CA HIS B 19 -6.97 -22.59 -18.77
C HIS B 19 -8.28 -22.04 -18.19
N VAL B 20 -8.50 -20.74 -18.35
CA VAL B 20 -9.72 -20.11 -17.86
C VAL B 20 -10.77 -20.32 -18.94
N LEU B 21 -11.95 -20.74 -18.53
CA LEU B 21 -13.01 -21.00 -19.50
C LEU B 21 -14.08 -19.93 -19.54
N ILE B 22 -13.70 -18.74 -19.96
CA ILE B 22 -14.64 -17.63 -20.09
C ILE B 22 -14.99 -17.55 -21.58
N SER B 23 -16.20 -17.12 -21.88
CA SER B 23 -16.65 -17.03 -23.27
C SER B 23 -17.13 -15.63 -23.61
N ARG B 24 -17.12 -15.30 -24.90
CA ARG B 24 -17.55 -13.99 -25.36
C ARG B 24 -19.08 -13.91 -25.33
N PRO B 25 -19.63 -12.72 -25.02
CA PRO B 25 -21.09 -12.54 -24.96
C PRO B 25 -21.81 -12.87 -26.29
N SER B 26 -23.13 -12.97 -26.21
CA SER B 26 -23.98 -13.28 -27.36
C SER B 26 -23.69 -12.35 -28.54
N ALA B 27 -23.98 -11.06 -28.34
CA ALA B 27 -23.78 -10.05 -29.37
C ALA B 27 -22.38 -9.45 -29.28
N PRO B 28 -22.07 -8.46 -30.15
CA PRO B 28 -20.73 -7.85 -30.11
C PRO B 28 -20.45 -7.25 -28.75
N PHE B 29 -19.31 -6.59 -28.62
CA PHE B 29 -18.95 -5.99 -27.35
C PHE B 29 -19.39 -4.53 -27.19
N THR B 30 -19.87 -4.21 -26.00
CA THR B 30 -20.27 -2.84 -25.68
C THR B 30 -19.27 -2.45 -24.61
N GLU B 31 -18.86 -1.18 -24.59
CA GLU B 31 -17.89 -0.73 -23.60
C GLU B 31 -18.06 -1.48 -22.28
N ALA B 32 -19.28 -1.50 -21.77
CA ALA B 32 -19.60 -2.15 -20.51
C ALA B 32 -19.39 -3.67 -20.48
N SER B 33 -19.77 -4.36 -21.56
CA SER B 33 -19.62 -5.80 -21.59
C SER B 33 -18.18 -6.28 -21.79
N MET B 34 -17.38 -5.51 -22.51
CA MET B 34 -15.99 -5.91 -22.71
C MET B 34 -15.19 -5.75 -21.42
N MET B 35 -15.29 -4.57 -20.80
CA MET B 35 -14.61 -4.31 -19.55
C MET B 35 -15.03 -5.37 -18.54
N MET B 36 -16.31 -5.71 -18.61
CA MET B 36 -16.88 -6.71 -17.71
C MET B 36 -16.18 -8.05 -17.93
N SER B 37 -16.03 -8.46 -19.20
CA SER B 37 -15.35 -9.71 -19.54
C SER B 37 -13.86 -9.71 -19.15
N LEU B 38 -13.17 -8.63 -19.51
CA LEU B 38 -11.75 -8.53 -19.20
C LEU B 38 -11.44 -8.47 -17.70
N THR B 39 -12.36 -7.93 -16.92
CA THR B 39 -12.16 -7.84 -15.47
C THR B 39 -12.46 -9.18 -14.83
N LYS B 40 -13.48 -9.86 -15.36
CA LYS B 40 -13.85 -11.16 -14.85
C LYS B 40 -12.70 -12.12 -15.12
N LEU B 41 -12.14 -12.04 -16.33
CA LEU B 41 -11.03 -12.91 -16.70
C LEU B 41 -9.81 -12.73 -15.81
N ALA B 42 -9.45 -11.47 -15.56
CA ALA B 42 -8.28 -11.16 -14.73
C ALA B 42 -8.49 -11.63 -13.31
N ASP B 43 -9.72 -11.54 -12.83
CA ASP B 43 -10.03 -11.95 -11.48
C ASP B 43 -9.87 -13.45 -11.32
N LYS B 44 -10.22 -14.22 -12.35
CA LYS B 44 -10.08 -15.67 -12.27
C LYS B 44 -8.61 -16.05 -12.39
N GLU B 45 -7.83 -15.22 -13.08
CA GLU B 45 -6.42 -15.52 -13.24
C GLU B 45 -5.62 -15.06 -12.03
N LEU B 46 -6.01 -13.96 -11.41
CA LEU B 46 -5.29 -13.50 -10.23
C LEU B 46 -5.37 -14.58 -9.18
N VAL B 47 -6.43 -15.38 -9.24
CA VAL B 47 -6.60 -16.48 -8.30
C VAL B 47 -5.58 -17.56 -8.64
N HIS B 48 -5.59 -18.04 -9.88
CA HIS B 48 -4.66 -19.08 -10.31
C HIS B 48 -3.21 -18.63 -10.17
N MET B 49 -2.95 -17.34 -10.36
CA MET B 49 -1.60 -16.81 -10.28
C MET B 49 -0.95 -17.05 -8.92
N ILE B 50 -1.77 -17.05 -7.88
CA ILE B 50 -1.31 -17.29 -6.51
C ILE B 50 -0.89 -18.76 -6.35
N SER B 51 -1.71 -19.66 -6.89
CA SER B 51 -1.45 -21.09 -6.80
C SER B 51 -0.19 -21.40 -7.60
N TRP B 52 0.03 -20.60 -8.64
CA TRP B 52 1.19 -20.77 -9.49
C TRP B 52 2.46 -20.31 -8.78
N ALA B 53 2.38 -19.14 -8.13
CA ALA B 53 3.53 -18.60 -7.43
C ALA B 53 4.00 -19.53 -6.34
N LYS B 54 3.04 -20.11 -5.62
CA LYS B 54 3.35 -21.02 -4.54
C LYS B 54 4.03 -22.33 -5.00
N LYS B 55 3.93 -22.64 -6.29
CA LYS B 55 4.53 -23.87 -6.82
C LYS B 55 5.97 -23.64 -7.32
N ILE B 56 6.42 -22.40 -7.28
CA ILE B 56 7.76 -22.05 -7.72
C ILE B 56 8.76 -22.25 -6.57
N PRO B 57 9.86 -22.98 -6.84
CA PRO B 57 10.90 -23.28 -5.86
C PRO B 57 11.33 -22.13 -4.97
N GLY B 58 11.24 -22.38 -3.65
CA GLY B 58 11.63 -21.38 -2.66
C GLY B 58 10.67 -20.23 -2.42
N PHE B 59 9.62 -20.12 -3.21
CA PHE B 59 8.69 -19.01 -3.06
C PHE B 59 8.01 -18.97 -1.69
N VAL B 60 7.44 -20.09 -1.26
CA VAL B 60 6.76 -20.16 0.03
C VAL B 60 7.70 -20.05 1.23
N GLU B 61 9.00 -20.05 0.96
CA GLU B 61 9.99 -19.90 2.02
C GLU B 61 10.28 -18.42 2.20
N LEU B 62 9.84 -17.60 1.24
CA LEU B 62 10.01 -16.17 1.36
C LEU B 62 8.96 -15.79 2.40
N SER B 63 9.09 -14.60 2.97
CA SER B 63 8.12 -14.17 3.98
C SER B 63 6.77 -13.93 3.32
N LEU B 64 5.75 -13.86 4.16
CA LEU B 64 4.40 -13.61 3.72
C LEU B 64 4.38 -12.27 2.98
N PHE B 65 4.97 -11.25 3.60
CA PHE B 65 5.00 -9.93 3.00
C PHE B 65 5.76 -9.94 1.66
N ASP B 66 6.89 -10.63 1.57
CA ASP B 66 7.61 -10.67 0.30
C ASP B 66 6.75 -11.31 -0.78
N GLN B 67 6.10 -12.43 -0.44
CA GLN B 67 5.25 -13.13 -1.39
C GLN B 67 4.24 -12.19 -2.03
N VAL B 68 3.58 -11.38 -1.20
CA VAL B 68 2.58 -10.44 -1.66
C VAL B 68 3.13 -9.22 -2.37
N ARG B 69 4.32 -8.77 -1.98
CA ARG B 69 4.91 -7.62 -2.63
C ARG B 69 5.22 -8.01 -4.06
N LEU B 70 5.89 -9.14 -4.24
CA LEU B 70 6.23 -9.62 -5.58
C LEU B 70 4.98 -9.63 -6.47
N LEU B 71 3.95 -10.31 -6.01
CA LEU B 71 2.69 -10.42 -6.75
C LEU B 71 2.02 -9.09 -7.08
N GLU B 72 1.76 -8.29 -6.04
CA GLU B 72 1.10 -6.99 -6.20
C GLU B 72 1.93 -6.14 -7.14
N SER B 73 3.23 -6.32 -7.07
CA SER B 73 4.16 -5.57 -7.88
C SER B 73 4.21 -5.95 -9.35
N CYS B 74 3.86 -7.19 -9.71
CA CYS B 74 3.95 -7.63 -11.10
C CYS B 74 2.75 -8.38 -11.66
N TRP B 75 1.65 -8.42 -10.91
CA TRP B 75 0.49 -9.18 -11.36
C TRP B 75 0.08 -8.95 -12.81
N MET B 76 0.00 -7.70 -13.23
CA MET B 76 -0.41 -7.39 -14.59
C MET B 76 0.63 -7.76 -15.65
N GLU B 77 1.91 -7.58 -15.36
CA GLU B 77 2.94 -7.94 -16.34
C GLU B 77 2.86 -9.45 -16.61
N VAL B 78 2.56 -10.23 -15.57
CA VAL B 78 2.47 -11.68 -15.70
C VAL B 78 1.26 -12.07 -16.56
N LEU B 79 0.15 -11.35 -16.41
CA LEU B 79 -1.03 -11.64 -17.19
C LEU B 79 -0.77 -11.35 -18.66
N MET B 80 -0.23 -10.17 -18.96
CA MET B 80 0.05 -9.80 -20.33
C MET B 80 1.12 -10.67 -20.97
N MET B 81 1.99 -11.28 -20.17
CA MET B 81 3.02 -12.16 -20.71
C MET B 81 2.34 -13.44 -21.19
N GLY B 82 1.33 -13.88 -20.43
CA GLY B 82 0.61 -15.08 -20.78
C GLY B 82 -0.25 -14.79 -22.01
N LEU B 83 -0.78 -13.58 -22.06
CA LEU B 83 -1.59 -13.15 -23.18
C LEU B 83 -0.70 -13.08 -24.41
N MET B 84 0.52 -12.58 -24.23
CA MET B 84 1.43 -12.46 -25.35
C MET B 84 1.81 -13.83 -25.88
N TRP B 85 2.02 -14.80 -24.99
CA TRP B 85 2.35 -16.14 -25.44
C TRP B 85 1.18 -16.81 -26.17
N ARG B 86 -0.02 -16.70 -25.60
CA ARG B 86 -1.22 -17.29 -26.18
C ARG B 86 -1.61 -16.70 -27.53
N SER B 87 -1.09 -15.51 -27.85
CA SER B 87 -1.42 -14.85 -29.11
C SER B 87 -0.26 -14.88 -30.10
N ILE B 88 0.88 -15.38 -29.65
CA ILE B 88 2.08 -15.44 -30.48
C ILE B 88 1.92 -15.97 -31.91
N ASP B 89 0.95 -16.85 -32.14
CA ASP B 89 0.73 -17.41 -33.48
C ASP B 89 -0.55 -16.89 -34.16
N HIS B 90 -1.14 -15.83 -33.62
CA HIS B 90 -2.37 -15.26 -34.17
C HIS B 90 -2.25 -13.75 -34.37
N PRO B 91 -1.46 -13.32 -35.37
CA PRO B 91 -1.31 -11.89 -35.59
C PRO B 91 -2.65 -11.19 -35.82
N GLY B 92 -2.75 -9.95 -35.36
CA GLY B 92 -3.99 -9.20 -35.53
C GLY B 92 -5.01 -9.48 -34.45
N LYS B 93 -4.76 -10.54 -33.68
CA LYS B 93 -5.67 -10.93 -32.61
C LYS B 93 -5.00 -11.01 -31.24
N LEU B 94 -5.81 -10.89 -30.20
CA LEU B 94 -5.35 -10.98 -28.83
C LEU B 94 -6.12 -12.13 -28.23
N ILE B 95 -5.42 -13.14 -27.75
CA ILE B 95 -6.10 -14.30 -27.17
C ILE B 95 -6.10 -14.19 -25.66
N PHE B 96 -7.08 -13.49 -25.10
CA PHE B 96 -7.14 -13.34 -23.66
C PHE B 96 -7.41 -14.68 -22.97
N ALA B 97 -8.21 -15.51 -23.62
CA ALA B 97 -8.55 -16.83 -23.10
C ALA B 97 -8.84 -17.68 -24.34
N PRO B 98 -8.99 -19.01 -24.18
CA PRO B 98 -9.27 -19.88 -25.33
C PRO B 98 -10.51 -19.49 -26.16
N ASP B 99 -11.64 -19.25 -25.50
CA ASP B 99 -12.86 -18.86 -26.23
C ASP B 99 -13.18 -17.38 -26.01
N LEU B 100 -12.13 -16.57 -25.90
CA LEU B 100 -12.27 -15.14 -25.72
C LEU B 100 -11.09 -14.52 -26.48
N VAL B 101 -11.19 -14.64 -27.81
CA VAL B 101 -10.19 -14.12 -28.74
C VAL B 101 -10.71 -12.81 -29.29
N LEU B 102 -10.01 -11.71 -29.01
CA LEU B 102 -10.44 -10.41 -29.49
C LEU B 102 -9.68 -9.93 -30.71
N ASP B 103 -10.39 -9.25 -31.59
CA ASP B 103 -9.77 -8.73 -32.80
C ASP B 103 -9.26 -7.32 -32.51
N ARG B 104 -8.10 -7.01 -33.08
CA ARG B 104 -7.48 -5.71 -32.90
C ARG B 104 -8.56 -4.61 -32.87
N ASP B 105 -9.40 -4.60 -33.90
CA ASP B 105 -10.47 -3.60 -34.05
C ASP B 105 -11.51 -3.52 -32.95
N GLU B 106 -11.75 -4.63 -32.26
CA GLU B 106 -12.75 -4.62 -31.21
C GLU B 106 -12.38 -3.60 -30.16
N GLY B 107 -11.11 -3.20 -30.15
CA GLY B 107 -10.62 -2.23 -29.20
C GLY B 107 -11.32 -0.88 -29.28
N LYS B 108 -12.21 -0.73 -30.27
CA LYS B 108 -12.94 0.52 -30.44
C LYS B 108 -14.19 0.53 -29.56
N CYS B 109 -14.48 -0.59 -28.92
CA CYS B 109 -15.67 -0.68 -28.07
C CYS B 109 -15.39 -0.02 -26.71
N VAL B 110 -14.12 0.07 -26.36
CA VAL B 110 -13.77 0.69 -25.10
C VAL B 110 -12.88 1.90 -25.29
N GLU B 111 -13.26 2.98 -24.61
CA GLU B 111 -12.54 4.24 -24.69
C GLU B 111 -11.05 4.10 -24.38
N GLY B 112 -10.23 4.28 -25.43
CA GLY B 112 -8.79 4.20 -25.27
C GLY B 112 -8.15 2.87 -24.92
N ILE B 113 -8.77 1.75 -25.27
CA ILE B 113 -8.16 0.45 -24.97
C ILE B 113 -7.48 -0.01 -26.25
N LEU B 114 -7.76 0.72 -27.32
CA LEU B 114 -7.23 0.46 -28.64
C LEU B 114 -5.71 0.66 -28.64
N GLU B 115 -5.27 1.71 -27.95
CA GLU B 115 -3.84 2.03 -27.83
C GLU B 115 -3.18 0.88 -27.10
N ILE B 116 -3.76 0.49 -25.98
CA ILE B 116 -3.23 -0.58 -25.18
C ILE B 116 -3.20 -1.88 -25.97
N PHE B 117 -4.23 -2.13 -26.78
CA PHE B 117 -4.29 -3.33 -27.60
C PHE B 117 -3.14 -3.33 -28.59
N ASP B 118 -2.89 -2.19 -29.22
CA ASP B 118 -1.82 -2.09 -30.20
C ASP B 118 -0.44 -2.37 -29.56
N MET B 119 -0.24 -1.85 -28.35
CA MET B 119 1.01 -2.05 -27.62
C MET B 119 1.23 -3.54 -27.35
N LEU B 120 0.16 -4.21 -26.94
CA LEU B 120 0.19 -5.63 -26.63
C LEU B 120 0.51 -6.43 -27.88
N LEU B 121 -0.11 -6.05 -28.99
CA LEU B 121 0.09 -6.72 -30.26
C LEU B 121 1.51 -6.50 -30.80
N ALA B 122 2.01 -5.28 -30.63
CA ALA B 122 3.36 -4.93 -31.09
C ALA B 122 4.40 -5.74 -30.32
N THR B 123 4.21 -5.86 -29.01
CA THR B 123 5.16 -6.62 -28.18
C THR B 123 5.08 -8.09 -28.54
N THR B 124 3.87 -8.62 -28.65
CA THR B 124 3.68 -10.02 -29.00
C THR B 124 4.44 -10.24 -30.31
N SER B 125 4.19 -9.33 -31.24
CA SER B 125 4.82 -9.38 -32.54
C SER B 125 6.32 -9.48 -32.40
N ARG B 126 6.88 -8.75 -31.44
CA ARG B 126 8.31 -8.78 -31.21
C ARG B 126 8.77 -10.13 -30.65
N PHE B 127 7.93 -10.77 -29.85
CA PHE B 127 8.26 -12.08 -29.29
C PHE B 127 8.16 -13.12 -30.43
N ARG B 128 7.19 -12.93 -31.33
CA ARG B 128 7.02 -13.83 -32.46
C ARG B 128 8.29 -13.89 -33.30
N GLU B 129 8.85 -12.71 -33.61
CA GLU B 129 10.04 -12.63 -34.43
C GLU B 129 11.19 -13.39 -33.81
N LEU B 130 11.21 -13.48 -32.48
CA LEU B 130 12.27 -14.22 -31.79
C LEU B 130 11.97 -15.71 -31.78
N LYS B 131 10.76 -16.08 -32.17
CA LYS B 131 10.36 -17.47 -32.17
C LYS B 131 10.49 -17.99 -30.74
N LEU B 132 9.77 -17.32 -29.84
CA LEU B 132 9.76 -17.65 -28.42
C LEU B 132 9.27 -19.07 -28.17
N GLN B 133 10.02 -19.85 -27.41
CA GLN B 133 9.64 -21.22 -27.09
C GLN B 133 8.84 -21.21 -25.81
N HIS B 134 7.96 -22.21 -25.65
CA HIS B 134 7.12 -22.31 -24.46
C HIS B 134 7.93 -22.37 -23.15
N LYS B 135 9.02 -23.13 -23.16
CA LYS B 135 9.83 -23.25 -21.95
C LYS B 135 10.65 -22.00 -21.67
N GLU B 136 10.94 -21.21 -22.69
CA GLU B 136 11.65 -19.96 -22.45
C GLU B 136 10.61 -19.07 -21.79
N TYR B 137 9.38 -19.17 -22.29
CA TYR B 137 8.27 -18.41 -21.76
C TYR B 137 8.12 -18.70 -20.27
N LEU B 138 8.07 -19.98 -19.93
CA LEU B 138 7.93 -20.38 -18.52
C LEU B 138 8.97 -19.76 -17.58
N CYS B 139 10.23 -19.75 -17.99
CA CYS B 139 11.28 -19.18 -17.16
C CYS B 139 11.11 -17.68 -17.09
N VAL B 140 10.88 -17.06 -18.24
CA VAL B 140 10.70 -15.62 -18.30
C VAL B 140 9.61 -15.14 -17.33
N LYS B 141 8.51 -15.90 -17.22
CA LYS B 141 7.43 -15.50 -16.33
C LYS B 141 7.87 -15.55 -14.89
N ALA B 142 8.52 -16.65 -14.53
CA ALA B 142 9.00 -16.80 -13.17
C ALA B 142 9.96 -15.66 -12.85
N MET B 143 10.76 -15.27 -13.84
CA MET B 143 11.73 -14.20 -13.69
C MET B 143 11.06 -12.85 -13.46
N ILE B 144 9.97 -12.57 -14.18
CA ILE B 144 9.27 -11.32 -14.01
C ILE B 144 8.81 -11.20 -12.55
N LEU B 145 8.34 -12.31 -12.00
CA LEU B 145 7.88 -12.33 -10.62
C LEU B 145 9.03 -12.17 -9.63
N LEU B 146 10.05 -13.01 -9.76
CA LEU B 146 11.17 -12.94 -8.83
C LEU B 146 11.97 -11.64 -8.92
N ASN B 147 11.88 -10.96 -10.07
CA ASN B 147 12.62 -9.71 -10.28
C ASN B 147 11.87 -8.45 -9.85
N SER B 148 10.61 -8.60 -9.45
CA SER B 148 9.82 -7.44 -9.05
C SER B 148 10.28 -6.73 -7.77
N SER B 149 11.20 -7.34 -7.02
CA SER B 149 11.77 -6.75 -5.80
C SER B 149 13.27 -7.03 -5.82
N MET B 150 14.08 -6.12 -5.26
CA MET B 150 15.53 -6.31 -5.24
C MET B 150 16.13 -6.32 -3.82
N ASP B 161 17.25 -11.43 5.18
CA ASP B 161 17.14 -12.88 5.04
C ASP B 161 16.33 -13.29 3.81
N SER B 162 15.02 -13.12 3.91
CA SER B 162 14.10 -13.47 2.82
C SER B 162 14.40 -12.79 1.49
N SER B 163 15.23 -11.75 1.51
CA SER B 163 15.57 -11.03 0.28
C SER B 163 16.82 -11.63 -0.40
N ARG B 164 17.79 -12.08 0.40
CA ARG B 164 19.02 -12.68 -0.13
C ARG B 164 18.66 -14.00 -0.78
N LYS B 165 17.54 -14.57 -0.35
CA LYS B 165 17.01 -15.82 -0.88
C LYS B 165 16.51 -15.54 -2.29
N LEU B 166 15.89 -14.39 -2.46
CA LEU B 166 15.34 -13.99 -3.75
C LEU B 166 16.41 -14.07 -4.84
N ALA B 167 17.58 -13.50 -4.57
CA ALA B 167 18.68 -13.53 -5.53
C ALA B 167 18.97 -14.97 -5.94
N HIS B 168 19.05 -15.85 -4.97
CA HIS B 168 19.31 -17.26 -5.24
C HIS B 168 18.13 -17.84 -6.05
N LEU B 169 16.92 -17.50 -5.63
CA LEU B 169 15.67 -17.93 -6.25
C LEU B 169 15.57 -17.47 -7.72
N LEU B 170 15.92 -16.21 -7.96
CA LEU B 170 15.89 -15.64 -9.30
C LEU B 170 17.00 -16.26 -10.16
N ASN B 171 18.18 -16.43 -9.57
CA ASN B 171 19.31 -17.01 -10.28
C ASN B 171 19.01 -18.42 -10.79
N ALA B 172 18.29 -19.22 -10.01
CA ALA B 172 17.99 -20.57 -10.45
C ALA B 172 17.11 -20.55 -11.70
N VAL B 173 16.14 -19.65 -11.74
CA VAL B 173 15.27 -19.56 -12.91
C VAL B 173 16.05 -19.07 -14.12
N THR B 174 16.99 -18.15 -13.90
CA THR B 174 17.81 -17.61 -14.98
C THR B 174 18.65 -18.74 -15.57
N ASP B 175 19.12 -19.62 -14.67
CA ASP B 175 19.91 -20.78 -15.06
C ASP B 175 19.05 -21.72 -15.88
N ALA B 176 17.77 -21.85 -15.52
CA ALA B 176 16.89 -22.72 -16.27
C ALA B 176 16.72 -22.18 -17.70
N LEU B 177 16.39 -20.90 -17.81
CA LEU B 177 16.24 -20.27 -19.12
C LEU B 177 17.53 -20.44 -19.94
N VAL B 178 18.67 -20.22 -19.30
CA VAL B 178 19.97 -20.36 -19.94
C VAL B 178 20.07 -21.76 -20.53
N TRP B 179 19.54 -22.74 -19.82
CA TRP B 179 19.58 -24.14 -20.26
C TRP B 179 18.69 -24.35 -21.49
N VAL B 180 17.45 -23.86 -21.42
CA VAL B 180 16.54 -24.00 -22.53
C VAL B 180 17.14 -23.35 -23.77
N ILE B 181 17.73 -22.19 -23.57
CA ILE B 181 18.37 -21.48 -24.66
C ILE B 181 19.56 -22.31 -25.14
N ALA B 182 20.23 -22.97 -24.19
CA ALA B 182 21.39 -23.81 -24.52
C ALA B 182 20.98 -25.04 -25.31
N LYS B 183 19.78 -25.55 -25.05
CA LYS B 183 19.33 -26.72 -25.78
C LYS B 183 19.06 -26.34 -27.23
N SER B 184 18.82 -25.06 -27.49
CA SER B 184 18.54 -24.61 -28.86
C SER B 184 19.70 -25.00 -29.77
N GLY B 185 20.84 -25.28 -29.16
CA GLY B 185 22.02 -25.68 -29.92
C GLY B 185 22.92 -24.57 -30.46
N ILE B 186 22.33 -23.47 -30.93
CA ILE B 186 23.06 -22.33 -31.51
C ILE B 186 24.36 -21.89 -30.85
N SER B 187 24.99 -20.91 -31.50
CA SER B 187 26.26 -20.34 -31.06
C SER B 187 26.27 -19.75 -29.65
N SER B 188 27.40 -19.91 -28.96
CA SER B 188 27.57 -19.38 -27.63
C SER B 188 27.28 -17.90 -27.70
N GLN B 189 27.81 -17.26 -28.75
CA GLN B 189 27.60 -15.85 -28.97
C GLN B 189 26.11 -15.58 -29.11
N GLN B 190 25.47 -16.38 -29.96
CA GLN B 190 24.05 -16.26 -30.22
C GLN B 190 23.15 -16.55 -29.03
N GLN B 191 23.65 -17.33 -28.09
CA GLN B 191 22.86 -17.65 -26.91
C GLN B 191 22.90 -16.48 -25.93
N SER B 192 24.03 -15.79 -25.89
CA SER B 192 24.13 -14.64 -25.01
C SER B 192 23.23 -13.57 -25.59
N MET B 193 23.25 -13.44 -26.92
CA MET B 193 22.45 -12.45 -27.60
C MET B 193 20.95 -12.71 -27.40
N ARG B 194 20.51 -13.96 -27.56
CA ARG B 194 19.10 -14.29 -27.38
C ARG B 194 18.68 -14.07 -25.92
N LEU B 195 19.60 -14.29 -24.99
CA LEU B 195 19.31 -14.06 -23.59
C LEU B 195 19.01 -12.58 -23.44
N ALA B 196 19.85 -11.77 -24.08
CA ALA B 196 19.74 -10.32 -24.06
C ALA B 196 18.40 -9.85 -24.64
N ASN B 197 18.12 -10.30 -25.86
CA ASN B 197 16.89 -9.92 -26.54
C ASN B 197 15.63 -10.34 -25.78
N LEU B 198 15.70 -11.46 -25.07
CA LEU B 198 14.53 -11.89 -24.34
C LEU B 198 14.26 -10.97 -23.17
N LEU B 199 15.30 -10.69 -22.39
CA LEU B 199 15.15 -9.85 -21.22
C LEU B 199 14.87 -8.38 -21.54
N MET B 200 15.46 -7.86 -22.61
CA MET B 200 15.22 -6.46 -22.91
C MET B 200 13.77 -6.17 -23.26
N LEU B 201 13.01 -7.21 -23.55
CA LEU B 201 11.61 -7.04 -23.85
C LEU B 201 10.81 -6.87 -22.56
N LEU B 202 11.44 -7.16 -21.43
CA LEU B 202 10.73 -7.03 -20.16
C LEU B 202 10.31 -5.60 -19.93
N SER B 203 11.14 -4.66 -20.39
CA SER B 203 10.86 -3.24 -20.23
C SER B 203 9.52 -2.89 -20.84
N HIS B 204 9.31 -3.39 -22.06
CA HIS B 204 8.11 -3.15 -22.84
C HIS B 204 6.91 -3.85 -22.25
N VAL B 205 7.17 -4.96 -21.57
CA VAL B 205 6.08 -5.68 -20.94
C VAL B 205 5.66 -4.82 -19.74
N ARG B 206 6.65 -4.21 -19.10
CA ARG B 206 6.42 -3.32 -17.96
C ARG B 206 5.67 -2.08 -18.43
N HIS B 207 6.06 -1.55 -19.59
CA HIS B 207 5.39 -0.38 -20.12
C HIS B 207 3.93 -0.67 -20.40
N ALA B 208 3.67 -1.72 -21.19
CA ALA B 208 2.30 -2.11 -21.52
C ALA B 208 1.45 -2.24 -20.26
N SER B 209 2.04 -2.90 -19.26
CA SER B 209 1.39 -3.14 -17.98
C SER B 209 1.08 -1.85 -17.25
N ASN B 210 2.01 -0.91 -17.28
CA ASN B 210 1.79 0.36 -16.61
C ASN B 210 0.57 1.01 -17.26
N LYS B 211 0.56 1.07 -18.59
CA LYS B 211 -0.56 1.65 -19.30
C LYS B 211 -1.84 0.86 -19.03
N GLY B 212 -1.72 -0.45 -18.91
CA GLY B 212 -2.89 -1.25 -18.65
C GLY B 212 -3.56 -0.94 -17.32
N MET B 213 -2.76 -0.88 -16.25
CA MET B 213 -3.28 -0.60 -14.92
C MET B 213 -3.88 0.80 -14.84
N GLU B 214 -3.21 1.77 -15.47
CA GLU B 214 -3.70 3.13 -15.45
C GLU B 214 -5.06 3.18 -16.14
N HIS B 215 -5.21 2.46 -17.24
CA HIS B 215 -6.47 2.43 -17.97
C HIS B 215 -7.55 1.73 -17.14
N LEU B 216 -7.20 0.58 -16.58
CA LEU B 216 -8.15 -0.18 -15.77
C LEU B 216 -8.69 0.65 -14.60
N LEU B 217 -7.81 1.34 -13.90
CA LEU B 217 -8.24 2.18 -12.78
C LEU B 217 -9.17 3.22 -13.34
N ASN B 218 -8.71 3.90 -14.38
CA ASN B 218 -9.49 4.93 -15.02
C ASN B 218 -10.92 4.42 -15.28
N MET B 219 -11.08 3.32 -16.01
CA MET B 219 -12.40 2.79 -16.30
C MET B 219 -13.22 2.60 -15.03
N LYS B 220 -12.67 1.82 -14.10
CA LYS B 220 -13.32 1.56 -12.82
C LYS B 220 -13.74 2.86 -12.15
N CYS B 221 -12.85 3.86 -12.22
CA CYS B 221 -13.12 5.16 -11.62
C CYS B 221 -14.24 5.93 -12.30
N LYS B 222 -14.73 5.41 -13.43
CA LYS B 222 -15.83 6.03 -14.13
C LYS B 222 -17.07 5.22 -13.77
N ASN B 223 -16.94 4.43 -12.71
CA ASN B 223 -18.02 3.58 -12.19
C ASN B 223 -18.69 2.65 -13.20
N VAL B 224 -18.22 2.64 -14.44
CA VAL B 224 -18.81 1.74 -15.44
C VAL B 224 -18.64 0.30 -14.97
N VAL B 225 -17.45 -0.26 -15.19
CA VAL B 225 -17.15 -1.62 -14.78
C VAL B 225 -16.69 -1.68 -13.31
N PRO B 226 -17.45 -2.39 -12.47
CA PRO B 226 -17.12 -2.54 -11.05
C PRO B 226 -16.07 -3.62 -10.88
N VAL B 227 -14.81 -3.21 -10.79
CA VAL B 227 -13.73 -4.17 -10.61
C VAL B 227 -14.11 -5.10 -9.45
N TYR B 228 -13.75 -6.38 -9.58
CA TYR B 228 -14.07 -7.34 -8.53
C TYR B 228 -13.18 -7.21 -7.30
N ASP B 229 -13.31 -8.15 -6.39
CA ASP B 229 -12.56 -8.17 -5.14
C ASP B 229 -11.03 -8.16 -5.29
N LEU B 230 -10.44 -9.28 -5.70
CA LEU B 230 -8.98 -9.32 -5.84
C LEU B 230 -8.44 -8.30 -6.84
N LEU B 231 -9.03 -8.24 -8.02
CA LEU B 231 -8.59 -7.28 -9.03
C LEU B 231 -8.54 -5.86 -8.46
N LEU B 232 -9.52 -5.55 -7.62
CA LEU B 232 -9.62 -4.24 -6.97
C LEU B 232 -8.42 -4.05 -6.06
N GLU B 233 -8.13 -5.07 -5.25
CA GLU B 233 -7.00 -5.03 -4.33
C GLU B 233 -5.69 -4.82 -5.08
N MET B 234 -5.52 -5.53 -6.18
CA MET B 234 -4.32 -5.43 -7.01
C MET B 234 -4.16 -4.08 -7.68
N LEU B 235 -5.28 -3.49 -8.13
CA LEU B 235 -5.23 -2.19 -8.77
C LEU B 235 -4.92 -1.12 -7.74
N ASN B 236 -5.56 -1.24 -6.58
CA ASN B 236 -5.34 -0.29 -5.51
C ASN B 236 -3.94 -0.47 -4.94
N ALA B 237 -3.58 -1.71 -4.64
CA ALA B 237 -2.26 -1.99 -4.09
C ALA B 237 -1.18 -1.36 -4.96
N LEU C 3 -35.27 5.84 35.47
CA LEU C 3 -35.25 5.92 33.97
C LEU C 3 -34.90 4.57 33.35
N SER C 4 -35.92 3.85 32.90
CA SER C 4 -35.75 2.54 32.31
C SER C 4 -35.06 2.59 30.94
N PRO C 5 -34.62 1.41 30.45
CA PRO C 5 -33.96 1.40 29.14
C PRO C 5 -34.96 1.78 28.06
N GLU C 6 -36.25 1.60 28.36
CA GLU C 6 -37.31 1.93 27.42
C GLU C 6 -37.48 3.44 27.27
N GLN C 7 -37.47 4.13 28.41
CA GLN C 7 -37.63 5.58 28.41
C GLN C 7 -36.41 6.24 27.76
N LEU C 8 -35.23 5.68 28.02
CA LEU C 8 -33.97 6.21 27.48
C LEU C 8 -33.92 6.15 25.96
N VAL C 9 -34.45 5.09 25.39
CA VAL C 9 -34.46 4.96 23.93
C VAL C 9 -35.50 5.93 23.37
N LEU C 10 -36.62 6.04 24.07
CA LEU C 10 -37.68 6.95 23.66
C LEU C 10 -37.07 8.34 23.60
N THR C 11 -36.42 8.75 24.68
CA THR C 11 -35.81 10.07 24.73
C THR C 11 -34.75 10.24 23.64
N LEU C 12 -33.98 9.19 23.37
CA LEU C 12 -32.95 9.29 22.33
C LEU C 12 -33.61 9.56 20.99
N LEU C 13 -34.73 8.90 20.75
CA LEU C 13 -35.47 9.09 19.50
C LEU C 13 -35.93 10.55 19.38
N GLU C 14 -36.39 11.12 20.49
CA GLU C 14 -36.85 12.50 20.50
C GLU C 14 -35.70 13.46 20.22
N ALA C 15 -34.58 13.21 20.89
CA ALA C 15 -33.41 14.04 20.73
C ALA C 15 -32.79 13.92 19.35
N GLU C 16 -33.22 12.94 18.56
CA GLU C 16 -32.65 12.77 17.24
C GLU C 16 -32.48 14.12 16.53
N PRO C 17 -31.26 14.41 16.07
CA PRO C 17 -31.06 15.68 15.39
C PRO C 17 -31.76 15.65 14.02
N PRO C 18 -32.41 16.76 13.64
CA PRO C 18 -33.09 16.80 12.34
C PRO C 18 -32.07 16.74 11.22
N HIS C 19 -32.53 16.43 10.00
CA HIS C 19 -31.63 16.33 8.85
C HIS C 19 -31.25 17.71 8.33
N VAL C 20 -29.96 17.91 8.10
CA VAL C 20 -29.50 19.18 7.56
C VAL C 20 -29.60 19.08 6.05
N LEU C 21 -30.03 20.15 5.40
CA LEU C 21 -30.17 20.13 3.95
C LEU C 21 -29.08 20.95 3.29
N ILE C 22 -28.50 20.38 2.24
CA ILE C 22 -27.45 21.07 1.50
C ILE C 22 -27.52 20.53 0.07
N SER C 23 -27.52 21.44 -0.91
CA SER C 23 -27.59 21.01 -2.31
C SER C 23 -26.23 21.08 -2.97
N ARG C 24 -26.14 20.48 -4.15
CA ARG C 24 -24.90 20.50 -4.93
C ARG C 24 -24.74 21.90 -5.48
N PRO C 25 -23.50 22.43 -5.46
CA PRO C 25 -23.23 23.78 -5.98
C PRO C 25 -23.56 23.90 -7.47
N SER C 26 -23.77 25.13 -7.94
CA SER C 26 -24.11 25.36 -9.34
C SER C 26 -22.86 25.36 -10.22
N ALA C 27 -22.31 24.16 -10.44
CA ALA C 27 -21.10 24.00 -11.25
C ALA C 27 -20.44 22.65 -10.95
N PRO C 28 -19.65 22.13 -11.91
CA PRO C 28 -18.97 20.85 -11.71
C PRO C 28 -18.13 20.92 -10.44
N PHE C 29 -18.18 19.85 -9.64
CA PHE C 29 -17.44 19.79 -8.39
C PHE C 29 -15.93 19.94 -8.55
N THR C 30 -15.38 20.97 -7.90
CA THR C 30 -13.94 21.20 -7.91
C THR C 30 -13.50 20.92 -6.49
N GLU C 31 -12.24 20.56 -6.29
CA GLU C 31 -11.71 20.28 -4.96
C GLU C 31 -12.23 21.33 -3.98
N ALA C 32 -12.38 22.55 -4.48
CA ALA C 32 -12.86 23.65 -3.68
C ALA C 32 -14.34 23.53 -3.30
N SER C 33 -15.22 23.42 -4.29
CA SER C 33 -16.64 23.32 -4.04
C SER C 33 -17.03 22.15 -3.13
N MET C 34 -16.35 21.02 -3.29
CA MET C 34 -16.63 19.83 -2.49
C MET C 34 -16.32 20.08 -1.02
N MET C 35 -15.07 20.45 -0.74
CA MET C 35 -14.61 20.74 0.61
C MET C 35 -15.49 21.73 1.34
N MET C 36 -16.03 22.68 0.60
CA MET C 36 -16.91 23.71 1.16
C MET C 36 -18.26 23.06 1.52
N SER C 37 -18.81 22.31 0.58
CA SER C 37 -20.09 21.62 0.78
C SER C 37 -20.07 20.73 2.01
N LEU C 38 -18.99 19.96 2.16
CA LEU C 38 -18.87 19.05 3.29
C LEU C 38 -18.68 19.79 4.60
N THR C 39 -17.81 20.78 4.61
CA THR C 39 -17.53 21.56 5.81
C THR C 39 -18.74 22.39 6.26
N LYS C 40 -19.42 23.02 5.31
CA LYS C 40 -20.60 23.82 5.66
C LYS C 40 -21.61 22.86 6.28
N LEU C 41 -21.79 21.73 5.63
CA LEU C 41 -22.69 20.69 6.12
C LEU C 41 -22.28 20.25 7.54
N ALA C 42 -21.01 19.92 7.71
CA ALA C 42 -20.53 19.49 9.03
C ALA C 42 -20.78 20.57 10.06
N ASP C 43 -20.43 21.80 9.70
CA ASP C 43 -20.60 22.95 10.58
C ASP C 43 -22.05 23.09 11.05
N LYS C 44 -22.99 23.00 10.12
CA LYS C 44 -24.40 23.11 10.47
C LYS C 44 -24.86 21.94 11.33
N GLU C 45 -24.29 20.77 11.07
CA GLU C 45 -24.63 19.57 11.85
C GLU C 45 -24.12 19.68 13.29
N LEU C 46 -22.91 20.22 13.46
CA LEU C 46 -22.32 20.37 14.80
C LEU C 46 -23.19 21.12 15.79
N VAL C 47 -24.02 22.04 15.30
CA VAL C 47 -24.89 22.79 16.18
C VAL C 47 -25.97 21.85 16.72
N HIS C 48 -26.54 21.06 15.83
CA HIS C 48 -27.58 20.10 16.22
C HIS C 48 -27.07 18.99 17.13
N MET C 49 -25.83 18.57 16.93
CA MET C 49 -25.22 17.53 17.76
C MET C 49 -25.20 18.01 19.22
N ILE C 50 -24.70 19.22 19.43
CA ILE C 50 -24.64 19.82 20.75
C ILE C 50 -26.01 19.84 21.43
N SER C 51 -27.06 20.15 20.67
CA SER C 51 -28.43 20.17 21.22
C SER C 51 -28.81 18.73 21.56
N TRP C 52 -28.32 17.80 20.74
CA TRP C 52 -28.58 16.38 20.93
C TRP C 52 -27.90 15.88 22.19
N ALA C 53 -26.62 16.23 22.35
CA ALA C 53 -25.87 15.81 23.51
C ALA C 53 -26.56 16.22 24.80
N LYS C 54 -26.94 17.49 24.89
CA LYS C 54 -27.59 18.03 26.09
C LYS C 54 -28.94 17.40 26.42
N LYS C 55 -29.59 16.80 25.43
CA LYS C 55 -30.87 16.16 25.67
C LYS C 55 -30.64 14.76 26.23
N ILE C 56 -29.41 14.27 26.15
CA ILE C 56 -29.09 12.95 26.67
C ILE C 56 -29.02 13.04 28.19
N PRO C 57 -29.95 12.38 28.88
CA PRO C 57 -30.03 12.36 30.35
C PRO C 57 -28.71 12.20 31.08
N GLY C 58 -28.31 13.25 31.81
CA GLY C 58 -27.08 13.21 32.55
C GLY C 58 -25.89 13.90 31.90
N PHE C 59 -25.96 14.16 30.60
CA PHE C 59 -24.84 14.82 29.93
C PHE C 59 -24.62 16.20 30.55
N VAL C 60 -25.68 17.02 30.56
CA VAL C 60 -25.58 18.38 31.11
C VAL C 60 -25.08 18.41 32.55
N GLU C 61 -25.26 17.32 33.28
CA GLU C 61 -24.81 17.29 34.66
C GLU C 61 -23.31 17.03 34.82
N LEU C 62 -22.64 16.71 33.71
CA LEU C 62 -21.20 16.48 33.74
C LEU C 62 -20.56 17.86 33.85
N SER C 63 -19.28 17.89 34.21
CA SER C 63 -18.59 19.15 34.32
C SER C 63 -18.70 19.80 32.94
N LEU C 64 -18.57 21.12 32.89
CA LEU C 64 -18.65 21.88 31.65
C LEU C 64 -17.51 21.47 30.72
N PHE C 65 -16.31 21.35 31.27
CA PHE C 65 -15.14 20.99 30.47
C PHE C 65 -15.12 19.54 29.95
N ASP C 66 -15.89 18.67 30.57
CA ASP C 66 -15.95 17.28 30.12
C ASP C 66 -16.95 17.18 28.95
N GLN C 67 -18.03 17.93 29.05
CA GLN C 67 -19.05 17.96 28.01
C GLN C 67 -18.43 18.36 26.66
N VAL C 68 -17.51 19.32 26.70
CA VAL C 68 -16.82 19.81 25.52
C VAL C 68 -15.68 18.86 25.15
N ARG C 69 -15.19 18.14 26.16
CA ARG C 69 -14.10 17.20 25.96
C ARG C 69 -14.63 16.01 25.19
N LEU C 70 -15.84 15.60 25.53
CA LEU C 70 -16.53 14.49 24.91
C LEU C 70 -17.00 14.88 23.50
N LEU C 71 -17.42 16.12 23.34
CA LEU C 71 -17.90 16.59 22.04
C LEU C 71 -16.77 16.84 21.05
N GLU C 72 -15.71 17.52 21.49
CA GLU C 72 -14.57 17.79 20.60
C GLU C 72 -13.94 16.51 20.15
N SER C 73 -14.05 15.49 20.99
CA SER C 73 -13.46 14.18 20.71
C SER C 73 -14.27 13.29 19.77
N CYS C 74 -15.60 13.38 19.81
CA CYS C 74 -16.43 12.50 19.00
C CYS C 74 -17.19 13.04 17.77
N TRP C 75 -17.21 14.35 17.56
CA TRP C 75 -17.99 14.89 16.45
C TRP C 75 -17.85 14.20 15.08
N MET C 76 -16.64 13.96 14.59
CA MET C 76 -16.46 13.31 13.30
C MET C 76 -17.07 11.90 13.31
N GLU C 77 -16.83 11.18 14.40
CA GLU C 77 -17.35 9.83 14.56
C GLU C 77 -18.88 9.86 14.51
N VAL C 78 -19.47 10.76 15.29
CA VAL C 78 -20.92 10.89 15.34
C VAL C 78 -21.50 11.28 13.98
N LEU C 79 -20.79 12.14 13.26
CA LEU C 79 -21.27 12.54 11.94
C LEU C 79 -21.18 11.38 10.96
N MET C 80 -20.04 10.70 10.93
CA MET C 80 -19.87 9.58 10.01
C MET C 80 -20.81 8.41 10.29
N MET C 81 -21.26 8.28 11.53
CA MET C 81 -22.20 7.24 11.93
C MET C 81 -23.59 7.64 11.42
N GLY C 82 -23.87 8.94 11.47
CA GLY C 82 -25.14 9.44 10.97
C GLY C 82 -25.11 9.25 9.46
N LEU C 83 -23.96 9.58 8.87
CA LEU C 83 -23.76 9.44 7.43
C LEU C 83 -24.01 8.00 6.99
N MET C 84 -23.47 7.04 7.75
CA MET C 84 -23.63 5.62 7.44
C MET C 84 -25.06 5.14 7.50
N TRP C 85 -25.78 5.52 8.54
CA TRP C 85 -27.17 5.13 8.68
C TRP C 85 -27.99 5.59 7.47
N ARG C 86 -27.79 6.84 7.05
CA ARG C 86 -28.50 7.40 5.89
C ARG C 86 -28.18 6.58 4.64
N SER C 87 -26.90 6.25 4.46
CA SER C 87 -26.45 5.50 3.30
C SER C 87 -26.65 3.98 3.36
N ILE C 88 -27.19 3.47 4.45
CA ILE C 88 -27.34 2.04 4.61
C ILE C 88 -28.06 1.28 3.49
N ASP C 89 -29.18 1.79 3.02
CA ASP C 89 -29.96 1.13 1.97
C ASP C 89 -29.63 1.58 0.54
N HIS C 90 -28.44 2.13 0.34
CA HIS C 90 -28.04 2.60 -0.98
C HIS C 90 -26.59 2.27 -1.28
N PRO C 91 -26.32 0.99 -1.57
CA PRO C 91 -24.95 0.54 -1.87
C PRO C 91 -24.19 1.39 -2.89
N GLY C 92 -22.92 1.65 -2.59
CA GLY C 92 -22.11 2.43 -3.49
C GLY C 92 -22.28 3.93 -3.41
N LYS C 93 -23.21 4.40 -2.56
CA LYS C 93 -23.45 5.83 -2.42
C LYS C 93 -23.27 6.33 -1.00
N LEU C 94 -23.03 7.63 -0.87
CA LEU C 94 -22.87 8.28 0.43
C LEU C 94 -23.89 9.42 0.52
N ILE C 95 -24.89 9.26 1.37
CA ILE C 95 -25.92 10.28 1.51
C ILE C 95 -25.54 11.33 2.54
N PHE C 96 -24.68 12.27 2.17
CA PHE C 96 -24.30 13.32 3.12
C PHE C 96 -25.54 14.14 3.45
N ALA C 97 -26.38 14.34 2.43
CA ALA C 97 -27.62 15.08 2.59
C ALA C 97 -28.63 14.53 1.58
N PRO C 98 -29.94 14.70 1.87
CA PRO C 98 -30.98 14.21 0.97
C PRO C 98 -30.73 14.66 -0.47
N ASP C 99 -30.13 15.84 -0.63
CA ASP C 99 -29.85 16.37 -1.96
C ASP C 99 -28.36 16.35 -2.32
N LEU C 100 -27.56 15.73 -1.45
CA LEU C 100 -26.12 15.63 -1.68
C LEU C 100 -25.71 14.17 -1.54
N VAL C 101 -25.91 13.42 -2.62
CA VAL C 101 -25.59 12.00 -2.67
C VAL C 101 -24.42 11.79 -3.60
N LEU C 102 -23.21 11.77 -3.05
CA LEU C 102 -22.02 11.57 -3.87
C LEU C 102 -21.79 10.11 -4.19
N ASP C 103 -21.26 9.87 -5.39
CA ASP C 103 -20.94 8.51 -5.80
C ASP C 103 -19.51 8.27 -5.34
N ARG C 104 -19.16 7.01 -5.13
CA ARG C 104 -17.81 6.65 -4.68
C ARG C 104 -16.77 7.43 -5.48
N ASP C 105 -16.62 7.05 -6.75
CA ASP C 105 -15.66 7.67 -7.66
C ASP C 105 -15.66 9.19 -7.63
N GLU C 106 -16.77 9.78 -7.24
CA GLU C 106 -16.86 11.24 -7.17
C GLU C 106 -15.87 11.81 -6.18
N GLY C 107 -15.30 10.93 -5.36
CA GLY C 107 -14.33 11.38 -4.36
C GLY C 107 -13.03 11.79 -5.02
N LYS C 108 -12.76 11.26 -6.21
CA LYS C 108 -11.54 11.58 -6.92
C LYS C 108 -11.39 13.07 -7.20
N CYS C 109 -12.37 13.88 -6.81
CA CYS C 109 -12.31 15.32 -7.04
C CYS C 109 -11.49 16.01 -5.95
N VAL C 110 -11.28 15.32 -4.84
CA VAL C 110 -10.48 15.84 -3.73
C VAL C 110 -9.36 14.85 -3.45
N GLU C 111 -8.12 15.34 -3.43
CA GLU C 111 -6.98 14.48 -3.18
C GLU C 111 -7.05 13.76 -1.83
N GLY C 112 -6.93 12.43 -1.88
CA GLY C 112 -6.95 11.62 -0.68
C GLY C 112 -8.27 11.31 -0.03
N ILE C 113 -9.34 11.98 -0.43
CA ILE C 113 -10.63 11.71 0.19
C ILE C 113 -11.29 10.44 -0.35
N LEU C 114 -10.78 9.93 -1.47
CA LEU C 114 -11.33 8.73 -2.08
C LEU C 114 -11.15 7.53 -1.16
N GLU C 115 -10.03 7.51 -0.44
CA GLU C 115 -9.76 6.40 0.45
C GLU C 115 -10.67 6.48 1.67
N ILE C 116 -11.13 7.69 1.97
CA ILE C 116 -12.03 7.88 3.10
C ILE C 116 -13.47 7.52 2.73
N PHE C 117 -13.80 7.72 1.47
CA PHE C 117 -15.14 7.38 0.99
C PHE C 117 -15.27 5.87 0.97
N ASP C 118 -14.22 5.19 0.52
CA ASP C 118 -14.23 3.73 0.48
C ASP C 118 -14.45 3.18 1.90
N MET C 119 -13.69 3.73 2.85
CA MET C 119 -13.81 3.33 4.25
C MET C 119 -15.26 3.43 4.70
N LEU C 120 -15.82 4.64 4.64
CA LEU C 120 -17.21 4.86 5.04
C LEU C 120 -18.17 3.91 4.31
N LEU C 121 -17.91 3.65 3.03
CA LEU C 121 -18.76 2.76 2.23
C LEU C 121 -18.71 1.32 2.73
N ALA C 122 -17.50 0.83 2.99
CA ALA C 122 -17.31 -0.54 3.49
C ALA C 122 -17.96 -0.69 4.87
N THR C 123 -17.73 0.29 5.74
CA THR C 123 -18.31 0.23 7.08
C THR C 123 -19.83 0.27 6.99
N THR C 124 -20.35 1.14 6.13
CA THR C 124 -21.80 1.23 5.94
C THR C 124 -22.30 -0.12 5.42
N SER C 125 -21.56 -0.67 4.46
CA SER C 125 -21.90 -1.96 3.88
C SER C 125 -21.99 -3.00 4.98
N ARG C 126 -21.08 -2.89 5.94
CA ARG C 126 -21.05 -3.82 7.08
C ARG C 126 -22.27 -3.69 7.98
N PHE C 127 -22.73 -2.45 8.22
CA PHE C 127 -23.92 -2.28 9.06
C PHE C 127 -25.13 -2.81 8.31
N ARG C 128 -25.14 -2.59 7.00
CA ARG C 128 -26.21 -3.06 6.12
C ARG C 128 -26.36 -4.58 6.28
N GLU C 129 -25.28 -5.33 6.06
CA GLU C 129 -25.33 -6.78 6.21
C GLU C 129 -25.81 -7.15 7.61
N LEU C 130 -25.44 -6.35 8.60
CA LEU C 130 -25.85 -6.62 9.96
C LEU C 130 -27.34 -6.31 10.18
N LYS C 131 -27.95 -5.62 9.21
CA LYS C 131 -29.34 -5.23 9.30
C LYS C 131 -29.58 -4.32 10.50
N LEU C 132 -28.66 -3.38 10.70
CA LEU C 132 -28.72 -2.43 11.80
C LEU C 132 -30.12 -1.83 11.96
N GLN C 133 -30.68 -1.91 13.17
CA GLN C 133 -32.00 -1.37 13.44
C GLN C 133 -31.87 0.08 13.88
N HIS C 134 -32.94 0.85 13.67
CA HIS C 134 -32.95 2.26 14.01
C HIS C 134 -32.74 2.51 15.50
N LYS C 135 -33.29 1.65 16.35
CA LYS C 135 -33.14 1.79 17.78
C LYS C 135 -31.73 1.44 18.28
N GLU C 136 -31.03 0.59 17.53
CA GLU C 136 -29.67 0.20 17.91
C GLU C 136 -28.75 1.34 17.52
N TYR C 137 -29.03 1.93 16.37
CA TYR C 137 -28.27 3.04 15.83
C TYR C 137 -28.30 4.21 16.82
N LEU C 138 -29.49 4.48 17.36
CA LEU C 138 -29.66 5.57 18.32
C LEU C 138 -28.82 5.30 19.57
N CYS C 139 -28.78 4.04 19.99
CA CYS C 139 -28.01 3.69 21.17
C CYS C 139 -26.53 3.72 20.84
N VAL C 140 -26.16 3.14 19.70
CA VAL C 140 -24.77 3.12 19.28
C VAL C 140 -24.22 4.53 19.14
N LYS C 141 -25.03 5.42 18.58
CA LYS C 141 -24.62 6.81 18.39
C LYS C 141 -24.32 7.50 19.74
N ALA C 142 -25.21 7.32 20.72
CA ALA C 142 -25.04 7.90 22.05
C ALA C 142 -23.82 7.33 22.80
N MET C 143 -23.41 6.12 22.45
CA MET C 143 -22.27 5.47 23.08
C MET C 143 -20.97 6.05 22.55
N ILE C 144 -20.95 6.33 21.25
CA ILE C 144 -19.77 6.91 20.63
C ILE C 144 -19.44 8.21 21.37
N LEU C 145 -20.48 8.95 21.74
CA LEU C 145 -20.31 10.23 22.46
C LEU C 145 -19.72 10.04 23.84
N LEU C 146 -20.42 9.29 24.67
CA LEU C 146 -20.02 9.05 26.05
C LEU C 146 -18.71 8.28 26.21
N ASN C 147 -18.30 7.54 25.19
CA ASN C 147 -17.09 6.74 25.27
C ASN C 147 -15.96 7.28 24.40
N SER C 148 -16.20 8.39 23.73
CA SER C 148 -15.20 8.97 22.84
C SER C 148 -13.91 9.44 23.50
N SER C 149 -14.02 9.95 24.72
CA SER C 149 -12.85 10.45 25.42
C SER C 149 -12.21 9.46 26.37
N MET C 150 -10.90 9.29 26.21
CA MET C 150 -10.10 8.41 27.05
C MET C 150 -10.18 8.93 28.48
N TYR C 151 -9.43 10.00 28.73
CA TYR C 151 -9.34 10.64 30.04
C TYR C 151 -10.69 11.04 30.62
N ASP C 161 -16.42 12.61 40.75
CA ASP C 161 -17.82 12.98 40.88
C ASP C 161 -18.44 13.09 39.48
N SER C 162 -17.64 13.53 38.51
CA SER C 162 -18.10 13.67 37.13
C SER C 162 -17.79 12.39 36.34
N SER C 163 -16.60 11.84 36.58
CA SER C 163 -16.17 10.62 35.92
C SER C 163 -17.17 9.53 36.31
N ARG C 164 -17.61 9.56 37.56
CA ARG C 164 -18.56 8.59 38.06
C ARG C 164 -19.88 8.68 37.30
N LYS C 165 -20.41 9.89 37.16
CA LYS C 165 -21.67 10.07 36.43
C LYS C 165 -21.52 9.53 35.01
N LEU C 166 -20.39 9.83 34.37
CA LEU C 166 -20.16 9.35 33.03
C LEU C 166 -20.29 7.84 33.03
N ALA C 167 -19.57 7.20 33.94
CA ALA C 167 -19.60 5.75 34.08
C ALA C 167 -21.04 5.26 34.16
N HIS C 168 -21.83 5.95 34.98
CA HIS C 168 -23.24 5.61 35.15
C HIS C 168 -24.00 5.82 33.85
N LEU C 169 -23.63 6.86 33.11
CA LEU C 169 -24.30 7.16 31.86
C LEU C 169 -24.04 6.17 30.72
N LEU C 170 -22.80 5.73 30.59
CA LEU C 170 -22.43 4.78 29.55
C LEU C 170 -23.08 3.44 29.88
N ASN C 171 -23.18 3.18 31.17
CA ASN C 171 -23.78 1.96 31.71
C ASN C 171 -25.26 1.87 31.33
N ALA C 172 -25.98 2.97 31.52
CA ALA C 172 -27.40 3.03 31.21
C ALA C 172 -27.67 2.89 29.72
N VAL C 173 -26.79 3.44 28.90
CA VAL C 173 -26.93 3.37 27.46
C VAL C 173 -26.61 1.96 26.99
N THR C 174 -25.59 1.34 27.58
CA THR C 174 -25.24 -0.03 27.21
C THR C 174 -26.46 -0.90 27.52
N ASP C 175 -27.07 -0.67 28.68
CA ASP C 175 -28.27 -1.40 29.09
C ASP C 175 -29.43 -1.17 28.13
N ALA C 176 -29.47 0.01 27.50
CA ALA C 176 -30.53 0.31 26.56
C ALA C 176 -30.32 -0.47 25.25
N LEU C 177 -29.06 -0.63 24.85
CA LEU C 177 -28.77 -1.37 23.64
C LEU C 177 -29.14 -2.84 23.88
N VAL C 178 -28.66 -3.39 24.98
CA VAL C 178 -28.94 -4.78 25.34
C VAL C 178 -30.45 -5.00 25.19
N TRP C 179 -31.23 -4.22 25.93
CA TRP C 179 -32.69 -4.27 25.90
C TRP C 179 -33.25 -4.24 24.48
N VAL C 180 -32.86 -3.23 23.70
CA VAL C 180 -33.34 -3.15 22.33
C VAL C 180 -33.01 -4.45 21.58
N ILE C 181 -31.78 -4.95 21.74
CA ILE C 181 -31.38 -6.18 21.09
C ILE C 181 -32.29 -7.32 21.51
N ALA C 182 -32.55 -7.44 22.81
CA ALA C 182 -33.42 -8.49 23.33
C ALA C 182 -34.83 -8.37 22.74
N LYS C 183 -35.33 -7.15 22.59
CA LYS C 183 -36.66 -6.91 22.06
C LYS C 183 -36.89 -7.54 20.69
N SER C 184 -35.81 -7.91 20.01
CA SER C 184 -35.93 -8.51 18.68
C SER C 184 -36.43 -9.94 18.72
N GLY C 185 -36.38 -10.56 19.90
CA GLY C 185 -36.84 -11.94 20.05
C GLY C 185 -35.88 -13.05 19.63
N ILE C 186 -34.60 -12.71 19.48
CA ILE C 186 -33.59 -13.69 19.07
C ILE C 186 -32.95 -14.42 20.24
N SER C 187 -32.28 -15.51 19.91
CA SER C 187 -31.56 -16.36 20.86
C SER C 187 -30.81 -15.55 21.92
N SER C 188 -30.57 -16.16 23.07
CA SER C 188 -29.83 -15.51 24.14
C SER C 188 -28.37 -15.47 23.70
N GLN C 189 -27.94 -16.54 23.03
CA GLN C 189 -26.57 -16.65 22.53
C GLN C 189 -26.38 -15.67 21.38
N GLN C 190 -27.46 -15.34 20.70
CA GLN C 190 -27.38 -14.40 19.58
C GLN C 190 -27.33 -12.97 20.09
N GLN C 191 -27.93 -12.74 21.25
CA GLN C 191 -27.94 -11.42 21.85
C GLN C 191 -26.51 -10.98 22.11
N SER C 192 -25.70 -11.92 22.59
CA SER C 192 -24.31 -11.65 22.89
C SER C 192 -23.48 -11.49 21.62
N MET C 193 -23.79 -12.26 20.58
CA MET C 193 -23.04 -12.16 19.33
C MET C 193 -23.34 -10.83 18.63
N ARG C 194 -24.61 -10.43 18.62
CA ARG C 194 -24.98 -9.19 17.97
C ARG C 194 -24.39 -8.01 18.72
N LEU C 195 -24.45 -8.06 20.04
CA LEU C 195 -23.90 -6.96 20.82
C LEU C 195 -22.43 -6.83 20.46
N ALA C 196 -21.74 -7.97 20.42
CA ALA C 196 -20.32 -7.99 20.08
C ALA C 196 -20.09 -7.42 18.68
N ASN C 197 -20.93 -7.79 17.72
CA ASN C 197 -20.79 -7.30 16.35
C ASN C 197 -20.99 -5.78 16.19
N LEU C 198 -22.02 -5.24 16.83
CA LEU C 198 -22.27 -3.81 16.75
C LEU C 198 -21.10 -3.05 17.34
N LEU C 199 -20.61 -3.49 18.50
CA LEU C 199 -19.49 -2.83 19.17
C LEU C 199 -18.13 -2.94 18.49
N MET C 200 -17.86 -4.05 17.81
CA MET C 200 -16.58 -4.17 17.14
C MET C 200 -16.52 -3.27 15.92
N LEU C 201 -17.69 -2.79 15.49
CA LEU C 201 -17.75 -1.88 14.35
C LEU C 201 -17.43 -0.45 14.81
N LEU C 202 -17.41 -0.24 16.13
CA LEU C 202 -17.09 1.07 16.68
C LEU C 202 -15.63 1.39 16.41
N SER C 203 -14.79 0.37 16.33
CA SER C 203 -13.38 0.56 16.06
C SER C 203 -13.23 1.04 14.63
N HIS C 204 -14.07 0.52 13.76
CA HIS C 204 -14.04 0.88 12.35
C HIS C 204 -14.51 2.32 12.20
N VAL C 205 -15.62 2.65 12.86
CA VAL C 205 -16.16 4.00 12.80
C VAL C 205 -15.09 4.96 13.36
N ARG C 206 -14.43 4.54 14.43
CA ARG C 206 -13.37 5.36 15.04
C ARG C 206 -12.21 5.51 14.08
N HIS C 207 -11.88 4.45 13.36
CA HIS C 207 -10.77 4.53 12.43
C HIS C 207 -11.05 5.46 11.27
N ALA C 208 -12.31 5.47 10.82
CA ALA C 208 -12.71 6.34 9.73
C ALA C 208 -12.65 7.79 10.21
N SER C 209 -13.03 8.01 11.46
CA SER C 209 -13.02 9.37 12.02
C SER C 209 -11.62 9.96 12.17
N ASN C 210 -10.67 9.11 12.54
CA ASN C 210 -9.27 9.50 12.71
C ASN C 210 -8.72 9.93 11.36
N LYS C 211 -8.97 9.11 10.35
CA LYS C 211 -8.49 9.37 8.99
C LYS C 211 -9.10 10.62 8.39
N GLY C 212 -10.42 10.80 8.55
CA GLY C 212 -11.09 11.96 8.01
C GLY C 212 -10.56 13.26 8.60
N MET C 213 -10.41 13.28 9.93
CA MET C 213 -9.89 14.45 10.63
C MET C 213 -8.49 14.80 10.15
N GLU C 214 -7.70 13.77 9.86
CA GLU C 214 -6.34 13.94 9.36
C GLU C 214 -6.48 14.70 8.05
N HIS C 215 -7.32 14.17 7.17
CA HIS C 215 -7.56 14.76 5.88
C HIS C 215 -8.05 16.19 6.00
N LEU C 216 -9.11 16.39 6.77
CA LEU C 216 -9.67 17.73 6.96
C LEU C 216 -8.63 18.69 7.50
N LEU C 217 -7.88 18.28 8.53
CA LEU C 217 -6.83 19.14 9.08
C LEU C 217 -5.86 19.55 7.98
N ASN C 218 -5.36 18.69 7.24
CA ASN C 218 -4.40 19.04 6.18
C ASN C 218 -5.05 20.01 5.17
N MET C 219 -6.44 19.72 4.70
CA MET C 219 -7.11 20.66 3.81
C MET C 219 -7.07 22.07 4.40
N LYS C 220 -7.27 22.17 5.71
CA LYS C 220 -7.23 23.46 6.39
C LYS C 220 -5.85 24.12 6.34
N CYS C 221 -4.80 23.33 6.51
CA CYS C 221 -3.42 23.84 6.47
C CYS C 221 -3.08 24.27 5.05
N LYS C 222 -3.47 23.42 4.10
CA LYS C 222 -3.25 23.71 2.69
C LYS C 222 -4.18 24.87 2.36
N ASN C 223 -4.84 25.36 3.41
CA ASN C 223 -5.79 26.47 3.35
C ASN C 223 -6.71 26.44 2.12
N VAL C 224 -7.04 25.23 1.66
CA VAL C 224 -7.90 25.07 0.49
C VAL C 224 -9.34 25.35 0.89
N VAL C 225 -9.60 25.47 2.19
CA VAL C 225 -10.96 25.73 2.63
C VAL C 225 -11.08 26.64 3.83
N PRO C 226 -11.89 27.69 3.71
CA PRO C 226 -12.06 28.61 4.84
C PRO C 226 -12.79 27.85 5.94
N VAL C 227 -12.60 28.31 7.17
CA VAL C 227 -13.25 27.73 8.32
C VAL C 227 -14.47 28.55 8.70
N TYR C 228 -15.44 27.92 9.36
CA TYR C 228 -16.65 28.60 9.78
C TYR C 228 -16.65 28.77 11.29
N ASP C 229 -17.65 29.48 11.79
CA ASP C 229 -17.80 29.75 13.21
C ASP C 229 -17.41 28.60 14.16
N LEU C 230 -18.30 27.61 14.28
CA LEU C 230 -18.10 26.48 15.17
C LEU C 230 -17.10 25.37 14.79
N LEU C 231 -17.08 24.95 13.53
CA LEU C 231 -16.17 23.89 13.10
C LEU C 231 -14.68 24.19 13.32
N LEU C 232 -14.29 25.47 13.23
CA LEU C 232 -12.89 25.82 13.43
C LEU C 232 -12.41 25.49 14.83
N GLU C 233 -13.32 25.59 15.79
CA GLU C 233 -13.01 25.32 17.19
C GLU C 233 -12.84 23.82 17.46
N MET C 234 -13.62 22.99 16.76
CA MET C 234 -13.58 21.54 16.94
C MET C 234 -12.31 20.94 16.35
N LEU C 235 -11.98 21.32 15.12
CA LEU C 235 -10.79 20.80 14.45
C LEU C 235 -9.52 21.07 15.24
N ASN C 236 -9.29 22.33 15.59
CA ASN C 236 -8.09 22.69 16.34
C ASN C 236 -7.92 21.89 17.63
N ALA C 237 -8.98 21.84 18.44
CA ALA C 237 -8.97 21.12 19.71
C ALA C 237 -7.74 20.22 19.87
N LEU D 3 32.70 -2.21 -37.79
CA LEU D 3 33.08 -1.83 -36.39
C LEU D 3 32.86 -3.01 -35.42
N SER D 4 33.92 -3.41 -34.71
CA SER D 4 33.87 -4.53 -33.77
C SER D 4 33.41 -4.15 -32.36
N PRO D 5 33.18 -5.14 -31.49
CA PRO D 5 32.74 -4.87 -30.11
C PRO D 5 33.71 -3.96 -29.33
N GLU D 6 34.99 -4.28 -29.38
CA GLU D 6 35.99 -3.49 -28.66
C GLU D 6 36.01 -2.04 -29.17
N GLN D 7 35.97 -1.88 -30.49
CA GLN D 7 35.99 -0.57 -31.09
C GLN D 7 34.79 0.27 -30.67
N LEU D 8 33.64 -0.38 -30.47
CA LEU D 8 32.43 0.32 -30.07
C LEU D 8 32.54 0.78 -28.62
N VAL D 9 33.12 -0.06 -27.76
CA VAL D 9 33.29 0.29 -26.36
C VAL D 9 34.17 1.52 -26.24
N LEU D 10 35.26 1.54 -27.00
CA LEU D 10 36.17 2.68 -26.96
C LEU D 10 35.44 3.93 -27.44
N THR D 11 34.57 3.77 -28.44
CA THR D 11 33.79 4.88 -28.96
C THR D 11 32.83 5.44 -27.91
N LEU D 12 32.18 4.56 -27.15
CA LEU D 12 31.24 5.01 -26.12
C LEU D 12 32.03 5.72 -25.02
N LEU D 13 33.25 5.24 -24.76
CA LEU D 13 34.10 5.83 -23.73
C LEU D 13 34.41 7.28 -24.09
N GLU D 14 34.84 7.51 -25.32
CA GLU D 14 35.17 8.85 -25.75
C GLU D 14 33.89 9.68 -25.80
N ALA D 15 32.76 9.00 -25.93
CA ALA D 15 31.47 9.68 -26.00
C ALA D 15 31.00 10.19 -24.63
N GLU D 16 31.53 9.62 -23.55
CA GLU D 16 31.13 10.00 -22.21
C GLU D 16 31.13 11.50 -21.94
N PRO D 17 29.97 12.05 -21.55
CA PRO D 17 29.91 13.48 -21.27
C PRO D 17 30.70 13.79 -20.02
N PRO D 18 31.11 15.05 -19.87
CA PRO D 18 31.88 15.48 -18.69
C PRO D 18 30.87 15.66 -17.56
N HIS D 19 31.35 15.63 -16.32
CA HIS D 19 30.51 15.79 -15.14
C HIS D 19 29.92 17.19 -15.06
N VAL D 20 28.66 17.28 -14.64
CA VAL D 20 28.01 18.57 -14.45
C VAL D 20 28.29 18.90 -12.99
N LEU D 21 28.81 20.10 -12.73
CA LEU D 21 29.12 20.49 -11.38
C LEU D 21 28.12 21.48 -10.83
N ILE D 22 27.34 21.04 -9.86
CA ILE D 22 26.40 21.93 -9.22
C ILE D 22 26.90 22.01 -7.81
N SER D 23 26.96 23.21 -7.25
CA SER D 23 27.45 23.36 -5.89
C SER D 23 26.37 23.36 -4.85
N ARG D 24 26.70 22.83 -3.69
CA ARG D 24 25.78 22.78 -2.58
C ARG D 24 25.79 24.16 -1.95
N PRO D 25 24.60 24.76 -1.75
CA PRO D 25 24.49 26.09 -1.15
C PRO D 25 25.06 26.12 0.27
N SER D 26 25.81 27.17 0.59
CA SER D 26 26.40 27.34 1.90
C SER D 26 25.30 27.85 2.82
N ALA D 27 24.25 27.06 2.94
CA ALA D 27 23.10 27.38 3.76
C ALA D 27 22.22 26.15 3.82
N PRO D 28 21.33 26.08 4.82
CA PRO D 28 20.43 24.94 4.96
C PRO D 28 19.55 24.79 3.74
N PHE D 29 19.27 23.54 3.36
CA PHE D 29 18.41 23.26 2.21
C PHE D 29 16.95 23.54 2.57
N THR D 30 16.19 24.01 1.59
CA THR D 30 14.75 24.25 1.76
C THR D 30 14.16 23.43 0.64
N GLU D 31 12.89 23.04 0.76
CA GLU D 31 12.29 22.25 -0.30
C GLU D 31 12.61 22.90 -1.64
N ALA D 32 12.63 24.23 -1.64
CA ALA D 32 12.90 24.98 -2.86
C ALA D 32 14.33 24.92 -3.38
N SER D 33 15.31 25.26 -2.54
CA SER D 33 16.70 25.28 -2.99
C SER D 33 17.21 23.92 -3.45
N MET D 34 16.77 22.84 -2.81
CA MET D 34 17.24 21.52 -3.21
C MET D 34 16.66 21.16 -4.57
N MET D 35 15.34 21.33 -4.70
CA MET D 35 14.65 21.05 -5.96
C MET D 35 15.29 21.87 -7.07
N MET D 36 15.68 23.09 -6.75
CA MET D 36 16.31 23.96 -7.71
C MET D 36 17.69 23.37 -8.05
N SER D 37 18.37 22.80 -7.06
CA SER D 37 19.68 22.21 -7.29
C SER D 37 19.56 21.00 -8.23
N LEU D 38 18.54 20.19 -8.00
CA LEU D 38 18.36 19.02 -8.83
C LEU D 38 17.96 19.36 -10.28
N THR D 39 17.03 20.31 -10.46
CA THR D 39 16.61 20.67 -11.82
C THR D 39 17.73 21.33 -12.61
N LYS D 40 18.50 22.16 -11.93
CA LYS D 40 19.63 22.86 -12.54
C LYS D 40 20.61 21.83 -13.10
N LEU D 41 20.84 20.77 -12.32
CA LEU D 41 21.74 19.68 -12.68
C LEU D 41 21.18 18.89 -13.88
N ALA D 42 19.91 18.52 -13.79
CA ALA D 42 19.25 17.78 -14.86
C ALA D 42 19.27 18.56 -16.18
N ASP D 43 18.94 19.85 -16.15
CA ASP D 43 18.94 20.65 -17.38
C ASP D 43 20.31 20.71 -18.04
N LYS D 44 21.34 20.96 -17.25
CA LYS D 44 22.69 21.02 -17.82
C LYS D 44 23.07 19.66 -18.40
N GLU D 45 22.76 18.60 -17.65
CA GLU D 45 23.05 17.23 -18.08
C GLU D 45 22.28 16.89 -19.33
N LEU D 46 21.01 17.27 -19.38
CA LEU D 46 20.21 16.96 -20.56
C LEU D 46 20.92 17.47 -21.80
N VAL D 47 21.43 18.70 -21.74
CA VAL D 47 22.13 19.33 -22.86
C VAL D 47 23.28 18.44 -23.32
N HIS D 48 23.98 17.85 -22.35
CA HIS D 48 25.11 16.97 -22.65
C HIS D 48 24.65 15.63 -23.19
N MET D 49 23.54 15.12 -22.65
CA MET D 49 23.02 13.81 -23.06
C MET D 49 22.79 13.70 -24.55
N ILE D 50 22.29 14.79 -25.14
CA ILE D 50 21.99 14.85 -26.55
C ILE D 50 23.23 14.75 -27.42
N SER D 51 24.32 15.38 -27.00
CA SER D 51 25.56 15.31 -27.77
C SER D 51 26.06 13.90 -27.62
N TRP D 52 25.87 13.34 -26.43
CA TRP D 52 26.29 11.98 -26.15
C TRP D 52 25.59 11.04 -27.13
N ALA D 53 24.24 11.07 -27.12
CA ALA D 53 23.47 10.21 -27.99
C ALA D 53 23.92 10.33 -29.44
N LYS D 54 24.23 11.53 -29.87
CA LYS D 54 24.67 11.75 -31.25
C LYS D 54 25.99 11.05 -31.58
N LYS D 55 26.81 10.77 -30.57
CA LYS D 55 28.08 10.12 -30.81
C LYS D 55 27.94 8.60 -30.84
N ILE D 56 26.76 8.11 -30.46
CA ILE D 56 26.54 6.67 -30.49
C ILE D 56 26.42 6.23 -31.95
N PRO D 57 27.29 5.32 -32.39
CA PRO D 57 27.30 4.80 -33.76
C PRO D 57 25.93 4.45 -34.34
N GLY D 58 25.56 5.11 -35.42
CA GLY D 58 24.28 4.86 -36.06
C GLY D 58 23.08 5.62 -35.51
N PHE D 59 23.27 6.45 -34.49
CA PHE D 59 22.16 7.21 -33.90
C PHE D 59 21.69 8.37 -34.78
N VAL D 60 22.63 9.10 -35.39
CA VAL D 60 22.24 10.22 -36.24
C VAL D 60 21.64 9.72 -37.54
N GLU D 61 21.78 8.42 -37.80
CA GLU D 61 21.21 7.79 -39.00
C GLU D 61 19.77 7.37 -38.80
N LEU D 62 19.24 7.54 -37.58
CA LEU D 62 17.85 7.20 -37.33
C LEU D 62 17.07 8.44 -37.74
N SER D 63 15.78 8.30 -37.97
CA SER D 63 14.98 9.46 -38.36
C SER D 63 14.95 10.41 -37.16
N LEU D 64 14.84 11.70 -37.41
CA LEU D 64 14.84 12.68 -36.32
C LEU D 64 13.75 12.41 -35.30
N PHE D 65 12.61 11.92 -35.74
CA PHE D 65 11.54 11.68 -34.80
C PHE D 65 11.83 10.50 -33.90
N ASP D 66 12.63 9.56 -34.40
CA ASP D 66 13.01 8.40 -33.59
C ASP D 66 14.02 8.91 -32.57
N GLN D 67 15.01 9.67 -33.05
CA GLN D 67 16.02 10.24 -32.16
C GLN D 67 15.42 11.03 -30.99
N VAL D 68 14.41 11.84 -31.27
CA VAL D 68 13.78 12.60 -30.21
C VAL D 68 12.89 11.70 -29.35
N ARG D 69 12.24 10.72 -29.97
CA ARG D 69 11.36 9.79 -29.26
C ARG D 69 12.16 8.96 -28.26
N LEU D 70 13.32 8.50 -28.69
CA LEU D 70 14.20 7.71 -27.83
C LEU D 70 14.64 8.55 -26.63
N LEU D 71 15.17 9.74 -26.90
CA LEU D 71 15.62 10.61 -25.81
C LEU D 71 14.50 11.03 -24.85
N GLU D 72 13.41 11.56 -25.38
CA GLU D 72 12.28 12.00 -24.53
C GLU D 72 11.70 10.89 -23.67
N SER D 73 11.87 9.65 -24.09
CA SER D 73 11.31 8.52 -23.37
C SER D 73 12.18 7.90 -22.27
N CYS D 74 13.48 8.08 -22.37
CA CYS D 74 14.38 7.47 -21.39
C CYS D 74 15.37 8.41 -20.74
N TRP D 75 15.21 9.72 -20.92
CA TRP D 75 16.17 10.66 -20.33
C TRP D 75 16.42 10.48 -18.84
N MET D 76 15.37 10.44 -18.04
CA MET D 76 15.54 10.29 -16.59
C MET D 76 16.25 8.99 -16.22
N GLU D 77 15.91 7.89 -16.90
CA GLU D 77 16.57 6.60 -16.64
C GLU D 77 18.06 6.77 -16.89
N VAL D 78 18.41 7.42 -17.98
CA VAL D 78 19.81 7.67 -18.31
C VAL D 78 20.47 8.49 -17.20
N LEU D 79 19.73 9.46 -16.65
CA LEU D 79 20.27 10.28 -15.57
C LEU D 79 20.52 9.47 -14.30
N MET D 80 19.53 8.70 -13.89
CA MET D 80 19.64 7.90 -12.70
C MET D 80 20.70 6.83 -12.82
N MET D 81 20.87 6.27 -14.02
CA MET D 81 21.90 5.27 -14.22
C MET D 81 23.22 6.00 -13.99
N GLY D 82 23.28 7.25 -14.47
CA GLY D 82 24.48 8.04 -14.28
C GLY D 82 24.72 8.22 -12.80
N LEU D 83 23.64 8.53 -12.07
CA LEU D 83 23.69 8.76 -10.63
C LEU D 83 24.26 7.57 -9.86
N MET D 84 23.73 6.39 -10.17
CA MET D 84 24.15 5.17 -9.52
C MET D 84 25.63 4.89 -9.74
N TRP D 85 26.07 4.99 -10.99
CA TRP D 85 27.48 4.76 -11.30
C TRP D 85 28.36 5.64 -10.42
N ARG D 86 28.01 6.92 -10.30
CA ARG D 86 28.77 7.87 -9.48
C ARG D 86 28.68 7.57 -7.98
N SER D 87 27.61 6.91 -7.55
CA SER D 87 27.42 6.60 -6.13
C SER D 87 27.90 5.21 -5.74
N ILE D 88 28.27 4.42 -6.74
CA ILE D 88 28.67 3.05 -6.50
C ILE D 88 29.72 2.89 -5.40
N ASP D 89 30.68 3.79 -5.33
CA ASP D 89 31.72 3.70 -4.30
C ASP D 89 31.43 4.46 -3.00
N HIS D 90 30.28 5.13 -2.91
CA HIS D 90 29.97 5.89 -1.70
C HIS D 90 28.67 5.46 -1.06
N PRO D 91 28.66 4.24 -0.51
CA PRO D 91 27.49 3.64 0.15
C PRO D 91 26.79 4.58 1.11
N GLY D 92 25.46 4.64 1.01
CA GLY D 92 24.69 5.49 1.90
C GLY D 92 24.47 6.89 1.35
N LYS D 93 25.22 7.27 0.32
CA LYS D 93 25.09 8.60 -0.26
C LYS D 93 24.77 8.58 -1.76
N LEU D 94 24.02 9.58 -2.19
CA LEU D 94 23.66 9.74 -3.59
C LEU D 94 24.59 10.84 -4.12
N ILE D 95 25.43 10.51 -5.08
CA ILE D 95 26.38 11.49 -5.63
C ILE D 95 25.83 12.23 -6.86
N PHE D 96 24.79 13.03 -6.68
CA PHE D 96 24.24 13.79 -7.80
C PHE D 96 25.35 14.55 -8.49
N ALA D 97 26.26 15.11 -7.70
CA ALA D 97 27.41 15.84 -8.22
C ALA D 97 28.51 15.78 -7.16
N PRO D 98 29.77 15.99 -7.56
CA PRO D 98 30.85 15.94 -6.57
C PRO D 98 30.51 16.78 -5.33
N ASP D 99 30.17 18.05 -5.51
CA ASP D 99 29.83 18.87 -4.36
C ASP D 99 28.33 18.93 -4.08
N LEU D 100 27.61 17.88 -4.45
CA LEU D 100 26.18 17.81 -4.20
C LEU D 100 25.88 16.38 -3.80
N VAL D 101 26.47 15.99 -2.68
CA VAL D 101 26.36 14.67 -2.10
C VAL D 101 25.18 14.66 -1.13
N LEU D 102 24.13 13.95 -1.47
CA LEU D 102 22.95 13.91 -0.60
C LEU D 102 22.82 12.56 0.12
N ASP D 103 22.51 12.62 1.41
CA ASP D 103 22.35 11.43 2.24
C ASP D 103 20.90 11.01 2.32
N ARG D 104 20.70 9.75 2.67
CA ARG D 104 19.38 9.15 2.83
C ARG D 104 18.44 10.07 3.61
N ASP D 105 19.01 11.05 4.29
CA ASP D 105 18.22 11.98 5.09
C ASP D 105 17.99 13.31 4.39
N GLU D 106 19.01 13.80 3.67
CA GLU D 106 18.92 15.07 2.95
C GLU D 106 17.57 15.23 2.25
N GLY D 107 16.95 14.11 1.90
CA GLY D 107 15.67 14.15 1.22
C GLY D 107 14.50 14.44 2.14
N LYS D 108 14.81 14.84 3.37
CA LYS D 108 13.78 15.15 4.36
C LYS D 108 13.20 16.53 4.10
N CYS D 109 13.99 17.37 3.43
CA CYS D 109 13.61 18.73 3.10
C CYS D 109 12.64 18.84 1.92
N VAL D 110 12.50 17.76 1.15
CA VAL D 110 11.61 17.77 0.00
C VAL D 110 10.52 16.72 0.14
N GLU D 111 9.27 17.16 0.07
CA GLU D 111 8.12 16.27 0.21
C GLU D 111 8.09 15.14 -0.82
N GLY D 112 8.02 13.90 -0.33
CA GLY D 112 7.94 12.73 -1.19
C GLY D 112 9.19 12.29 -1.91
N ILE D 113 10.29 13.03 -1.77
CA ILE D 113 11.51 12.66 -2.47
C ILE D 113 12.29 11.59 -1.69
N LEU D 114 11.99 11.44 -0.41
CA LEU D 114 12.66 10.46 0.44
C LEU D 114 12.50 9.04 -0.12
N GLU D 115 11.29 8.73 -0.55
CA GLU D 115 10.95 7.44 -1.13
C GLU D 115 11.81 7.15 -2.35
N ILE D 116 11.96 8.15 -3.22
CA ILE D 116 12.76 7.99 -4.41
C ILE D 116 14.23 7.81 -4.09
N PHE D 117 14.70 8.50 -3.06
CA PHE D 117 16.09 8.40 -2.66
C PHE D 117 16.40 6.98 -2.24
N ASP D 118 15.52 6.41 -1.40
CA ASP D 118 15.71 5.03 -0.93
C ASP D 118 15.79 4.06 -2.11
N MET D 119 14.95 4.30 -3.12
CA MET D 119 14.90 3.48 -4.32
C MET D 119 16.24 3.55 -5.03
N LEU D 120 16.70 4.76 -5.28
CA LEU D 120 17.96 4.99 -5.97
C LEU D 120 19.11 4.33 -5.21
N LEU D 121 19.09 4.40 -3.89
CA LEU D 121 20.16 3.78 -3.10
C LEU D 121 20.14 2.23 -3.19
N ALA D 122 18.95 1.63 -3.13
CA ALA D 122 18.84 0.18 -3.22
C ALA D 122 19.36 -0.35 -4.56
N THR D 123 18.98 0.35 -5.63
CA THR D 123 19.40 -0.03 -6.98
C THR D 123 20.90 0.17 -7.10
N THR D 124 21.42 1.20 -6.42
CA THR D 124 22.85 1.52 -6.41
C THR D 124 23.57 0.41 -5.64
N SER D 125 23.05 0.12 -4.45
CA SER D 125 23.62 -0.92 -3.61
C SER D 125 23.67 -2.22 -4.42
N ARG D 126 22.68 -2.37 -5.29
CA ARG D 126 22.55 -3.55 -6.15
C ARG D 126 23.66 -3.67 -7.21
N PHE D 127 24.01 -2.55 -7.84
CA PHE D 127 25.07 -2.53 -8.85
C PHE D 127 26.41 -2.64 -8.14
N ARG D 128 26.43 -2.14 -6.91
CA ARG D 128 27.63 -2.17 -6.07
C ARG D 128 28.05 -3.61 -5.81
N GLU D 129 27.13 -4.44 -5.34
CA GLU D 129 27.50 -5.81 -5.06
C GLU D 129 27.90 -6.56 -6.31
N LEU D 130 27.24 -6.28 -7.44
CA LEU D 130 27.60 -6.95 -8.69
C LEU D 130 28.97 -6.45 -9.13
N LYS D 131 29.42 -5.35 -8.50
CA LYS D 131 30.69 -4.74 -8.84
C LYS D 131 30.68 -4.25 -10.29
N LEU D 132 29.65 -3.49 -10.65
CA LEU D 132 29.53 -2.96 -12.01
C LEU D 132 30.86 -2.31 -12.44
N GLN D 133 31.27 -2.60 -13.67
CA GLN D 133 32.50 -2.04 -14.21
C GLN D 133 32.16 -0.89 -15.14
N HIS D 134 33.07 0.08 -15.24
CA HIS D 134 32.87 1.26 -16.06
C HIS D 134 32.46 0.97 -17.49
N LYS D 135 33.02 -0.07 -18.09
CA LYS D 135 32.71 -0.40 -19.47
C LYS D 135 31.37 -1.12 -19.62
N GLU D 136 30.90 -1.71 -18.53
CA GLU D 136 29.62 -2.39 -18.60
C GLU D 136 28.61 -1.25 -18.52
N TYR D 137 28.94 -0.29 -17.67
CA TYR D 137 28.15 0.93 -17.45
C TYR D 137 27.94 1.65 -18.77
N LEU D 138 29.02 1.79 -19.55
CA LEU D 138 28.95 2.44 -20.84
C LEU D 138 27.97 1.77 -21.80
N CYS D 139 28.06 0.44 -21.89
CA CYS D 139 27.18 -0.32 -22.76
C CYS D 139 25.74 -0.30 -22.27
N VAL D 140 25.55 -0.44 -20.96
CA VAL D 140 24.22 -0.42 -20.38
C VAL D 140 23.52 0.92 -20.60
N LYS D 141 24.27 2.00 -20.42
CA LYS D 141 23.74 3.34 -20.59
C LYS D 141 23.20 3.51 -22.00
N ALA D 142 23.97 3.10 -23.00
CA ALA D 142 23.55 3.21 -24.39
C ALA D 142 22.36 2.31 -24.69
N MET D 143 22.34 1.10 -24.13
CA MET D 143 21.24 0.18 -24.34
C MET D 143 19.93 0.76 -23.78
N ILE D 144 19.98 1.40 -22.62
CA ILE D 144 18.78 2.01 -22.06
C ILE D 144 18.22 2.96 -23.10
N LEU D 145 19.10 3.73 -23.72
CA LEU D 145 18.67 4.68 -24.75
C LEU D 145 18.06 4.01 -25.97
N LEU D 146 18.76 3.01 -26.51
CA LEU D 146 18.30 2.33 -27.71
C LEU D 146 17.13 1.36 -27.57
N ASN D 147 16.77 0.99 -26.34
CA ASN D 147 15.68 0.05 -26.12
C ASN D 147 14.41 0.73 -25.59
N SER D 148 14.39 2.06 -25.56
CA SER D 148 13.21 2.75 -25.03
C SER D 148 12.04 2.80 -26.02
N SER D 149 12.28 2.33 -27.23
CA SER D 149 11.26 2.30 -28.28
C SER D 149 11.26 0.95 -28.99
N MET D 150 10.16 0.20 -28.91
CA MET D 150 10.10 -1.10 -29.57
C MET D 150 10.45 -1.00 -31.06
N TYR D 151 9.83 -0.05 -31.76
CA TYR D 151 10.08 0.17 -33.18
C TYR D 151 10.26 1.67 -33.44
N ASP D 161 11.87 0.79 -42.17
CA ASP D 161 13.26 0.98 -42.57
C ASP D 161 14.08 1.54 -41.42
N SER D 162 13.64 2.65 -40.86
CA SER D 162 14.34 3.28 -39.75
C SER D 162 14.41 2.39 -38.51
N SER D 163 13.49 1.43 -38.40
CA SER D 163 13.47 0.53 -37.26
C SER D 163 14.48 -0.63 -37.31
N ARG D 164 14.83 -1.08 -38.51
CA ARG D 164 15.81 -2.16 -38.64
C ARG D 164 17.17 -1.62 -38.20
N LYS D 165 17.39 -0.33 -38.43
CA LYS D 165 18.63 0.33 -38.04
C LYS D 165 18.68 0.39 -36.51
N LEU D 166 17.55 0.68 -35.87
CA LEU D 166 17.49 0.77 -34.42
C LEU D 166 17.87 -0.56 -33.78
N ALA D 167 17.27 -1.64 -34.27
CA ALA D 167 17.54 -2.97 -33.75
C ALA D 167 18.98 -3.40 -34.04
N HIS D 168 19.44 -3.19 -35.26
CA HIS D 168 20.81 -3.54 -35.64
C HIS D 168 21.76 -2.75 -34.76
N LEU D 169 21.27 -1.58 -34.34
CA LEU D 169 22.02 -0.66 -33.50
C LEU D 169 22.03 -1.13 -32.04
N LEU D 170 20.84 -1.32 -31.49
CA LEU D 170 20.69 -1.79 -30.11
C LEU D 170 21.50 -3.06 -29.95
N ASN D 171 21.52 -3.82 -31.04
CA ASN D 171 22.20 -5.09 -31.13
C ASN D 171 23.73 -4.99 -31.08
N ALA D 172 24.28 -3.95 -31.71
CA ALA D 172 25.72 -3.75 -31.73
C ALA D 172 26.21 -3.46 -30.32
N VAL D 173 25.42 -2.70 -29.58
CA VAL D 173 25.78 -2.34 -28.20
C VAL D 173 25.66 -3.55 -27.32
N THR D 174 24.61 -4.34 -27.52
CA THR D 174 24.41 -5.53 -26.73
C THR D 174 25.58 -6.50 -26.92
N ASP D 175 26.03 -6.62 -28.15
CA ASP D 175 27.16 -7.49 -28.44
C ASP D 175 28.45 -6.94 -27.80
N ALA D 176 28.52 -5.62 -27.62
CA ALA D 176 29.71 -5.03 -27.02
C ALA D 176 29.77 -5.38 -25.54
N LEU D 177 28.60 -5.29 -24.89
CA LEU D 177 28.46 -5.60 -23.47
C LEU D 177 28.85 -7.05 -23.17
N VAL D 178 28.43 -7.97 -24.04
CA VAL D 178 28.76 -9.38 -23.90
C VAL D 178 30.29 -9.55 -24.02
N TRP D 179 30.91 -8.82 -24.93
CA TRP D 179 32.34 -8.87 -25.12
C TRP D 179 33.03 -8.46 -23.81
N VAL D 180 32.59 -7.34 -23.25
CA VAL D 180 33.19 -6.86 -22.00
C VAL D 180 33.03 -7.86 -20.87
N ILE D 181 31.86 -8.46 -20.74
CA ILE D 181 31.66 -9.43 -19.67
C ILE D 181 32.62 -10.61 -19.89
N ALA D 182 32.79 -11.02 -21.14
CA ALA D 182 33.70 -12.12 -21.45
C ALA D 182 35.14 -11.76 -21.09
N LYS D 183 35.56 -10.55 -21.44
CA LYS D 183 36.92 -10.10 -21.13
C LYS D 183 37.23 -10.12 -19.63
N SER D 184 36.20 -10.28 -18.80
CA SER D 184 36.41 -10.32 -17.35
C SER D 184 36.99 -11.68 -16.95
N GLY D 185 36.96 -12.62 -17.89
CA GLY D 185 37.49 -13.96 -17.64
C GLY D 185 36.58 -14.95 -16.94
N ILE D 186 35.64 -14.45 -16.14
CA ILE D 186 34.72 -15.30 -15.39
C ILE D 186 34.12 -16.46 -16.19
N SER D 187 33.51 -17.38 -15.45
CA SER D 187 32.87 -18.55 -16.01
C SER D 187 31.88 -18.21 -17.11
N SER D 188 31.70 -19.14 -18.04
CA SER D 188 30.75 -18.93 -19.13
C SER D 188 29.35 -18.86 -18.54
N GLN D 189 29.14 -19.64 -17.49
CA GLN D 189 27.86 -19.70 -16.82
C GLN D 189 27.64 -18.45 -15.97
N GLN D 190 28.74 -17.82 -15.58
CA GLN D 190 28.67 -16.60 -14.77
C GLN D 190 28.47 -15.38 -15.65
N GLN D 191 28.94 -15.46 -16.89
CA GLN D 191 28.79 -14.38 -17.84
C GLN D 191 27.29 -14.19 -18.13
N SER D 192 26.60 -15.30 -18.37
CA SER D 192 25.18 -15.29 -18.67
C SER D 192 24.40 -14.79 -17.44
N MET D 193 24.90 -15.18 -16.28
CA MET D 193 24.29 -14.79 -15.02
C MET D 193 24.41 -13.28 -14.83
N ARG D 194 25.59 -12.75 -15.14
CA ARG D 194 25.88 -11.32 -14.98
C ARG D 194 25.04 -10.48 -15.94
N LEU D 195 25.09 -10.84 -17.23
CA LEU D 195 24.32 -10.15 -18.25
C LEU D 195 22.83 -10.12 -17.85
N ALA D 196 22.31 -11.27 -17.44
CA ALA D 196 20.91 -11.40 -17.03
C ALA D 196 20.56 -10.51 -15.85
N ASN D 197 21.47 -10.42 -14.88
CA ASN D 197 21.24 -9.58 -13.70
C ASN D 197 21.35 -8.11 -14.03
N LEU D 198 22.34 -7.74 -14.85
CA LEU D 198 22.48 -6.34 -15.22
C LEU D 198 21.22 -5.88 -15.92
N LEU D 199 20.77 -6.66 -16.90
CA LEU D 199 19.57 -6.32 -17.65
C LEU D 199 18.29 -6.30 -16.81
N MET D 200 18.18 -7.21 -15.84
CA MET D 200 16.96 -7.20 -15.04
C MET D 200 16.93 -6.04 -14.04
N LEU D 201 18.09 -5.40 -13.84
CA LEU D 201 18.16 -4.24 -12.95
C LEU D 201 17.55 -3.01 -13.63
N LEU D 202 17.59 -2.99 -14.97
CA LEU D 202 17.05 -1.86 -15.73
C LEU D 202 15.57 -1.71 -15.49
N SER D 203 14.93 -2.76 -15.00
CA SER D 203 13.51 -2.69 -14.73
C SER D 203 13.31 -1.83 -13.50
N HIS D 204 14.28 -1.89 -12.58
CA HIS D 204 14.20 -1.10 -11.37
C HIS D 204 14.63 0.33 -11.67
N VAL D 205 15.60 0.49 -12.58
CA VAL D 205 16.04 1.82 -12.97
C VAL D 205 14.82 2.53 -13.61
N ARG D 206 14.08 1.79 -14.45
CA ARG D 206 12.88 2.35 -15.08
C ARG D 206 11.87 2.72 -13.99
N HIS D 207 11.71 1.85 -13.00
CA HIS D 207 10.78 2.13 -11.93
C HIS D 207 11.15 3.42 -11.20
N ALA D 208 12.44 3.61 -10.90
CA ALA D 208 12.91 4.80 -10.21
C ALA D 208 12.71 6.06 -11.05
N SER D 209 12.79 5.90 -12.37
CA SER D 209 12.61 7.03 -13.28
C SER D 209 11.14 7.47 -13.35
N ASN D 210 10.25 6.49 -13.36
CA ASN D 210 8.82 6.76 -13.42
C ASN D 210 8.37 7.51 -12.16
N LYS D 211 8.92 7.15 -11.01
CA LYS D 211 8.58 7.81 -9.75
C LYS D 211 9.23 9.19 -9.71
N GLY D 212 10.43 9.26 -10.29
CA GLY D 212 11.16 10.51 -10.34
C GLY D 212 10.46 11.57 -11.19
N MET D 213 9.97 11.17 -12.35
CA MET D 213 9.28 12.11 -13.23
C MET D 213 7.93 12.51 -12.67
N GLU D 214 7.27 11.57 -12.02
CA GLU D 214 5.98 11.83 -11.44
C GLU D 214 6.17 12.89 -10.36
N HIS D 215 7.24 12.74 -9.60
CA HIS D 215 7.56 13.66 -8.52
C HIS D 215 7.90 15.06 -9.03
N LEU D 216 8.80 15.14 -10.01
CA LEU D 216 9.20 16.44 -10.56
C LEU D 216 7.97 17.19 -11.07
N LEU D 217 7.15 16.53 -11.88
CA LEU D 217 5.94 17.14 -12.42
C LEU D 217 5.08 17.72 -11.31
N ASN D 218 4.99 17.02 -10.23
CA ASN D 218 4.16 17.47 -9.12
C ASN D 218 4.81 18.66 -8.43
N MET D 219 6.14 18.70 -8.44
CA MET D 219 6.85 19.82 -7.87
C MET D 219 6.64 21.03 -8.79
N LYS D 220 6.78 20.79 -10.09
CA LYS D 220 6.58 21.82 -11.08
C LYS D 220 5.12 22.27 -11.06
N CYS D 221 4.21 21.33 -10.94
CA CYS D 221 2.79 21.65 -10.92
C CYS D 221 2.28 22.26 -9.60
N LYS D 222 3.14 22.40 -8.61
CA LYS D 222 2.73 23.00 -7.34
C LYS D 222 3.51 24.28 -7.08
N ASN D 223 4.24 24.72 -8.09
CA ASN D 223 5.04 25.94 -7.99
C ASN D 223 6.09 25.90 -6.91
N VAL D 224 6.76 24.76 -6.76
CA VAL D 224 7.81 24.65 -5.76
C VAL D 224 9.12 25.03 -6.45
N VAL D 225 9.25 24.61 -7.70
CA VAL D 225 10.45 24.89 -8.47
C VAL D 225 10.05 25.15 -9.92
N PRO D 226 10.75 26.07 -10.58
CA PRO D 226 10.45 26.38 -11.98
C PRO D 226 11.34 25.52 -12.89
N VAL D 227 10.80 25.07 -14.02
CA VAL D 227 11.61 24.29 -14.95
C VAL D 227 11.57 25.12 -16.23
N TYR D 228 12.71 25.24 -16.94
CA TYR D 228 12.74 26.07 -18.14
C TYR D 228 12.79 25.49 -19.55
N ASP D 229 13.98 25.43 -20.13
CA ASP D 229 14.16 24.98 -21.51
C ASP D 229 14.04 23.49 -21.86
N LEU D 230 15.19 22.83 -21.91
CA LEU D 230 15.28 21.43 -22.26
C LEU D 230 14.57 20.53 -21.26
N LEU D 231 14.76 20.78 -19.97
CA LEU D 231 14.11 19.96 -18.95
C LEU D 231 12.59 20.10 -19.05
N LEU D 232 12.12 21.28 -19.39
CA LEU D 232 10.69 21.52 -19.51
C LEU D 232 10.13 20.76 -20.71
N GLU D 233 10.90 20.72 -21.79
CA GLU D 233 10.49 20.02 -23.00
C GLU D 233 10.25 18.56 -22.66
N MET D 234 11.26 17.94 -22.06
CA MET D 234 11.22 16.53 -21.67
C MET D 234 10.07 16.18 -20.72
N LEU D 235 9.85 17.01 -19.72
CA LEU D 235 8.79 16.76 -18.75
C LEU D 235 7.41 16.75 -19.40
N ASN D 236 7.19 17.69 -20.28
CA ASN D 236 5.89 17.78 -20.93
C ASN D 236 5.76 16.77 -22.05
N ALA D 237 6.88 16.25 -22.52
CA ALA D 237 6.84 15.24 -23.58
C ALA D 237 6.27 13.95 -22.96
C1 272 E . 5.63 -1.83 21.27
C2 272 E . 4.51 -1.06 21.70
C3 272 E . 4.42 0.28 21.25
C4 272 E . 5.40 0.92 20.41
C5 272 E . 6.56 0.13 19.98
C6 272 E . 6.67 -1.25 20.40
O10 272 E . 3.46 1.17 21.52
N11 272 E . 3.76 2.28 20.91
C12 272 E . 4.95 2.28 20.19
C13 272 E . 5.49 3.45 19.37
C14 272 E . 4.70 4.66 19.24
C15 272 E . 5.16 5.78 18.47
C16 272 E . 6.41 5.70 17.81
C17 272 E . 7.21 4.51 17.93
C18 272 E . 6.75 3.38 18.70
O22 272 E . 6.81 6.66 17.14
O23 272 E . 3.61 4.82 19.76
O24 272 E . 5.70 -3.00 21.65
C1 272 F . -5.34 -10.92 -19.05
C2 272 F . -4.37 -10.19 -19.77
C3 272 F . -4.58 -8.80 -19.94
C4 272 F . -5.74 -8.12 -19.43
C5 272 F . -6.73 -8.87 -18.69
C6 272 F . -6.52 -10.28 -18.50
O10 272 F . -3.81 -7.91 -20.57
N11 272 F . -4.41 -6.73 -20.49
C12 272 F . -5.63 -6.73 -19.82
C13 272 F . -6.50 -5.51 -19.56
C14 272 F . -6.08 -4.18 -19.96
C15 272 F . -6.89 -3.04 -19.73
C16 272 F . -8.14 -3.18 -19.09
C17 272 F . -8.59 -4.49 -18.68
C18 272 F . -7.77 -5.66 -18.91
O22 272 F . -8.85 -2.20 -18.88
O23 272 F . -5.01 -3.97 -20.52
O24 272 F . -5.17 -12.14 -18.88
C1 272 G . -21.27 14.60 7.62
C2 272 G . -20.72 13.31 7.55
C3 272 G . -19.38 13.21 7.15
C4 272 G . -18.56 14.33 6.81
C5 272 G . -19.13 15.65 6.88
C6 272 G . -20.50 15.78 7.30
O10 272 G . -18.65 12.10 7.02
N11 272 G . -17.46 12.46 6.64
C12 272 G . -17.26 13.81 6.44
C13 272 G . -15.94 14.46 6.03
C14 272 G . -14.75 13.64 5.87
C15 272 G . -13.50 14.18 5.49
C16 272 G . -13.39 15.57 5.26
C17 272 G . -14.54 16.42 5.40
C18 272 G . -15.82 15.87 5.79
O22 272 G . -12.30 16.05 4.91
O23 272 G . -14.76 12.43 6.06
O24 272 G . -22.44 14.71 7.98
C1 272 H . 20.56 13.35 -12.10
C2 272 H . 20.14 12.15 -11.49
C3 272 H . 18.89 12.17 -10.84
C4 272 H . 18.04 13.31 -10.77
C5 272 H . 18.47 14.55 -11.41
C6 272 H . 19.75 14.56 -12.08
O10 272 H . 18.29 11.16 -10.20
N11 272 H . 17.15 11.60 -9.74
C12 272 H . 16.86 12.94 -10.00
C13 272 H . 15.61 13.67 -9.62
C14 272 H . 14.56 12.95 -8.95
C15 272 H . 13.34 13.60 -8.55
C16 272 H . 13.16 14.98 -8.82
C17 272 H . 14.20 15.71 -9.47
C18 272 H . 15.44 15.07 -9.88
O22 272 H . 12.10 15.55 -8.47
O23 272 H . 14.64 11.76 -8.69
O24 272 H . 21.65 13.35 -12.67
#